data_8HJ7
#
_entry.id   8HJ7
#
_cell.length_a   100.634
_cell.length_b   100.634
_cell.length_c   182.321
_cell.angle_alpha   90.00
_cell.angle_beta   90.00
_cell.angle_gamma   90.00
#
_symmetry.space_group_name_H-M   'P 43 21 2'
#
loop_
_entity.id
_entity.type
_entity.pdbx_description
1 polymer 'Beta-D-glucan exohydrolase isoenzyme ExoI'
2 non-polymer 2-acetamido-2-deoxy-beta-D-glucopyranose
3 non-polymer 'ACETATE ION'
4 non-polymer GLYCEROL
5 non-polymer beta-D-glucopyranose
6 non-polymer 'PENTAETHYLENE GLYCOL'
7 non-polymer 'SULFATE ION'
8 water water
#
_entity_poly.entity_id   1
_entity_poly.type   'polypeptide(L)'
_entity_poly.pdbx_seq_one_letter_code
;AADYVLYKDATKPVEDRVADLLGRMTLAEKIGQMTQIERLVATPDVLRDNFIGSLLSGGGSVPRKGATAKEWQDMVDGFQ
KACMSTRLGIPMIYGIDAVHGQNNVYGATIFPHNVGLGATRDPYLVKRIGEATALEVRATGIQYAFAPCIAVCRDPRWGR
CYESYSEDRRIVQSMTELIPGLQGDVPKDFTSGMPFVAGKNKVAACAKHFVGDGGTVDGINANNTIINREGLMNIHMPAY
KNAMDKGVSTVMISYSSWNGVKMHANQDLVTGYLKDTLKFKGFVISDWEGIDRITTPAGSDYSYSVKASILAGLDMIMVP
NKYQQFISILTGHVNGGVIPMSRIDDAVTRILRVKFTMGLFENPYADPAMAEQLGKQEHRDLAREAARKSLVLLKNGKTS
TDAPLLPLPKKAPKILVAGSHADNLGYQCGGWTIEWQGDTGRTTVGTTILEAVKAAVDPSTVVVFAENPDAEFVKSGGFS
YAIVAVGEHPYTETKGDNLNLTIPEPGLSTVQAVCGGVRCATVLISGRPVVVQPLLAASDALVAAWLPGSEGQGVTDALF
GDFGFTGRLPRTWFKSVDQLPMNVGDAHYDPLFRLGYGLTTNAT
;
_entity_poly.pdbx_strand_id   A
#
loop_
_chem_comp.id
_chem_comp.type
_chem_comp.name
_chem_comp.formula
1PE non-polymer 'PENTAETHYLENE GLYCOL' 'C10 H22 O6'
ACT non-polymer 'ACETATE ION' 'C2 H3 O2 -1'
BGC D-saccharide, beta linking beta-D-glucopyranose 'C6 H12 O6'
GOL non-polymer GLYCEROL 'C3 H8 O3'
NAG D-saccharide, beta linking 2-acetamido-2-deoxy-beta-D-glucopyranose 'C8 H15 N O6'
SO4 non-polymer 'SULFATE ION' 'O4 S -2'
#
# COMPACT_ATOMS: atom_id res chain seq x y z
N ALA A 1 30.43 23.24 25.48
CA ALA A 1 30.81 23.00 26.95
C ALA A 1 31.53 21.65 27.22
N ALA A 2 31.69 21.21 28.48
CA ALA A 2 31.90 19.74 28.75
C ALA A 2 30.64 19.24 29.45
N ASP A 3 29.50 19.74 28.92
CA ASP A 3 28.29 18.98 28.82
C ASP A 3 28.00 18.48 27.28
N TYR A 4 29.02 18.56 26.41
CA TYR A 4 28.91 18.18 24.99
C TYR A 4 28.80 16.61 24.92
N VAL A 5 27.87 16.13 24.09
CA VAL A 5 27.67 14.71 23.81
C VAL A 5 27.66 14.60 22.25
N LEU A 6 28.65 13.90 21.69
CA LEU A 6 28.87 13.85 20.29
C LEU A 6 27.52 13.43 19.52
N TYR A 7 26.79 12.41 20.03
CA TYR A 7 25.63 11.96 19.28
C TYR A 7 24.58 13.02 19.14
N LYS A 8 24.59 14.05 19.95
CA LYS A 8 23.56 15.08 19.89
C LYS A 8 23.97 16.23 18.99
N ASP A 9 25.16 16.15 18.44
CA ASP A 9 25.74 17.26 17.58
C ASP A 9 25.35 16.95 16.13
N ALA A 10 24.42 17.75 15.63
CA ALA A 10 23.96 17.58 14.30
C ALA A 10 25.03 17.76 13.18
N THR A 11 26.16 18.39 13.43
CA THR A 11 27.21 18.63 12.37
C THR A 11 28.07 17.39 12.21
N LYS A 12 27.91 16.41 13.09
CA LYS A 12 28.81 15.20 13.00
C LYS A 12 28.28 14.16 12.00
N PRO A 13 29.17 13.33 11.43
CA PRO A 13 28.77 12.29 10.51
C PRO A 13 27.85 11.29 11.17
N VAL A 14 26.86 10.82 10.39
CA VAL A 14 25.90 9.83 10.94
C VAL A 14 26.58 8.67 11.58
N GLU A 15 27.53 8.04 10.88
CA GLU A 15 28.17 6.86 11.50
C GLU A 15 28.90 7.09 12.90
N ASP A 16 29.49 8.29 13.04
CA ASP A 16 30.10 8.72 14.27
C ASP A 16 29.06 8.95 15.34
N ARG A 17 27.90 9.53 14.96
CA ARG A 17 26.82 9.66 15.94
C ARG A 17 26.26 8.30 16.39
N VAL A 18 26.07 7.40 15.40
CA VAL A 18 25.60 6.01 15.72
C VAL A 18 26.52 5.33 16.70
N ALA A 19 27.82 5.35 16.40
CA ALA A 19 28.77 4.66 17.27
C ALA A 19 28.84 5.26 18.66
N ASP A 20 28.82 6.58 18.70
CA ASP A 20 28.86 7.29 19.96
C ASP A 20 27.71 6.95 20.87
N LEU A 21 26.46 6.98 20.31
CA LEU A 21 25.26 6.64 21.10
C LEU A 21 25.28 5.17 21.47
N LEU A 22 25.61 4.32 20.55
CA LEU A 22 25.57 2.87 20.82
C LEU A 22 26.47 2.51 22.01
N GLY A 23 27.63 3.16 22.03
CA GLY A 23 28.62 2.85 23.08
C GLY A 23 28.18 3.24 24.48
N ARG A 24 27.17 4.10 24.63
CA ARG A 24 26.68 4.52 25.89
C ARG A 24 25.53 3.72 26.36
N MET A 25 24.94 2.86 25.54
CA MET A 25 23.62 2.27 25.87
C MET A 25 23.68 0.99 26.73
N THR A 26 22.80 0.83 27.66
CA THR A 26 22.59 -0.45 28.36
C THR A 26 21.88 -1.40 27.48
N LEU A 27 21.84 -2.66 27.90
CA LEU A 27 21.11 -3.70 27.26
C LEU A 27 19.61 -3.36 27.15
N ALA A 28 19.03 -2.92 28.22
CA ALA A 28 17.65 -2.49 28.21
C ALA A 28 17.36 -1.38 27.18
N GLU A 29 18.30 -0.43 27.07
CA GLU A 29 18.18 0.67 26.09
C GLU A 29 18.28 0.17 24.66
N LYS A 30 19.20 -0.77 24.44
CA LYS A 30 19.35 -1.45 23.13
C LYS A 30 18.13 -2.25 22.73
N ILE A 31 17.62 -3.13 23.64
CA ILE A 31 16.51 -3.93 23.28
C ILE A 31 15.26 -3.08 23.12
N GLY A 32 15.14 -2.03 23.88
CA GLY A 32 14.08 -1.06 23.73
C GLY A 32 14.07 -0.50 22.28
N GLN A 33 15.22 -0.10 21.70
CA GLN A 33 15.24 0.33 20.29
C GLN A 33 14.66 -0.65 19.31
N MET A 34 14.78 -1.93 19.60
CA MET A 34 14.32 -3.01 18.80
C MET A 34 12.85 -3.32 18.94
N THR A 35 12.09 -2.58 19.76
CA THR A 35 10.77 -2.92 20.06
C THR A 35 9.86 -1.83 19.49
N GLN A 36 8.94 -2.27 18.64
CA GLN A 36 7.85 -1.42 18.14
C GLN A 36 6.55 -1.80 18.73
N ILE A 37 5.78 -0.80 19.26
CA ILE A 37 4.52 -1.16 19.85
C ILE A 37 3.36 -0.36 19.24
N GLU A 38 2.19 -0.91 19.41
CA GLU A 38 0.96 -0.26 18.92
C GLU A 38 0.73 0.98 19.80
N ARG A 39 0.22 2.07 19.17
CA ARG A 39 -0.30 3.20 19.97
C ARG A 39 -1.30 2.73 21.01
N LEU A 40 -2.10 1.72 20.68
CA LEU A 40 -3.13 1.24 21.60
C LEU A 40 -2.62 0.72 22.92
N VAL A 41 -1.35 0.34 23.02
CA VAL A 41 -0.78 -0.11 24.32
C VAL A 41 0.24 0.84 24.89
N ALA A 42 0.48 1.95 24.18
CA ALA A 42 1.43 2.93 24.59
C ALA A 42 0.85 3.92 25.65
N THR A 43 1.74 4.32 26.59
CA THR A 43 1.56 5.37 27.55
C THR A 43 2.89 6.01 27.81
N PRO A 44 2.85 7.24 28.41
CA PRO A 44 4.14 7.87 28.62
C PRO A 44 5.08 7.05 29.47
N ASP A 45 4.55 6.39 30.52
CA ASP A 45 5.40 5.59 31.36
C ASP A 45 5.94 4.37 30.63
N VAL A 46 5.09 3.73 29.78
CA VAL A 46 5.49 2.54 29.12
C VAL A 46 6.63 2.86 28.19
N LEU A 47 6.47 3.95 27.46
CA LEU A 47 7.51 4.39 26.50
C LEU A 47 8.86 4.67 27.19
N ARG A 48 8.80 5.35 28.35
CA ARG A 48 10.01 5.78 29.16
C ARG A 48 10.57 4.64 29.80
N ASP A 49 9.73 3.83 30.44
CA ASP A 49 10.29 2.73 31.23
C ASP A 49 10.95 1.59 30.50
N ASN A 50 10.48 1.30 29.29
CA ASN A 50 10.97 0.27 28.44
C ASN A 50 11.83 0.80 27.25
N PHE A 51 12.14 2.06 27.27
CA PHE A 51 13.08 2.67 26.31
C PHE A 51 12.65 2.35 24.88
N ILE A 52 11.32 2.45 24.60
CA ILE A 52 10.74 2.01 23.37
C ILE A 52 11.25 2.77 22.13
N GLY A 53 11.56 2.00 21.09
CA GLY A 53 12.16 2.57 19.86
C GLY A 53 11.20 3.10 18.85
N SER A 54 10.00 2.50 18.83
CA SER A 54 9.03 2.72 17.76
C SER A 54 7.65 2.52 18.15
N LEU A 55 6.74 3.26 17.50
CA LEU A 55 5.33 3.00 17.63
C LEU A 55 4.74 2.87 16.22
N LEU A 56 3.58 2.18 16.15
CA LEU A 56 2.81 2.19 14.94
C LEU A 56 1.33 2.35 15.22
N SER A 57 0.66 2.71 14.15
CA SER A 57 -0.81 2.49 13.92
C SER A 57 -0.93 1.37 12.97
N GLY A 58 -1.59 0.27 13.40
CA GLY A 58 -2.11 -0.70 12.42
C GLY A 58 -3.34 -0.14 11.72
N GLY A 59 -3.85 -0.89 10.74
CA GLY A 59 -5.04 -0.48 10.00
C GLY A 59 -6.13 -0.11 10.96
N GLY A 60 -6.71 1.07 10.81
CA GLY A 60 -7.79 1.43 11.76
C GLY A 60 -7.45 1.96 13.13
N SER A 61 -6.14 2.03 13.44
CA SER A 61 -5.63 2.47 14.80
C SER A 61 -5.41 3.98 14.84
N VAL A 62 -6.44 4.68 15.27
CA VAL A 62 -6.58 6.11 15.13
C VAL A 62 -6.95 6.75 16.50
N PRO A 63 -6.58 8.03 16.74
CA PRO A 63 -6.90 8.63 18.02
C PRO A 63 -8.39 8.78 18.30
N ARG A 64 -9.07 9.00 17.23
CA ARG A 64 -10.51 8.88 17.18
C ARG A 64 -11.03 8.96 15.77
N LYS A 65 -12.30 8.60 15.62
CA LYS A 65 -12.91 8.72 14.25
C LYS A 65 -12.95 10.13 13.87
N GLY A 66 -12.68 10.46 12.60
CA GLY A 66 -12.84 11.86 12.17
C GLY A 66 -11.74 12.78 12.64
N ALA A 67 -10.65 12.30 13.21
CA ALA A 67 -9.63 13.17 13.87
C ALA A 67 -8.95 14.07 12.83
N THR A 68 -8.69 15.32 13.21
CA THR A 68 -7.96 16.30 12.37
C THR A 68 -6.52 16.00 12.31
N ALA A 69 -5.82 16.59 11.33
CA ALA A 69 -4.42 16.44 11.26
C ALA A 69 -3.78 16.84 12.54
N LYS A 70 -4.23 17.96 13.12
CA LYS A 70 -3.68 18.40 14.40
C LYS A 70 -3.82 17.38 15.58
N GLU A 71 -4.97 16.73 15.66
CA GLU A 71 -5.18 15.63 16.63
C GLU A 71 -4.12 14.55 16.49
N TRP A 72 -3.83 14.23 15.26
CA TRP A 72 -2.75 13.23 15.00
C TRP A 72 -1.39 13.77 15.46
N GLN A 73 -1.04 15.02 15.06
CA GLN A 73 0.21 15.58 15.49
C GLN A 73 0.36 15.58 17.01
N ASP A 74 -0.70 16.01 17.69
CA ASP A 74 -0.66 16.09 19.15
C ASP A 74 -0.49 14.69 19.76
N MET A 75 -1.14 13.64 19.24
CA MET A 75 -0.93 12.29 19.70
C MET A 75 0.52 11.83 19.51
N VAL A 76 1.04 12.05 18.33
CA VAL A 76 2.41 11.60 18.03
C VAL A 76 3.43 12.33 18.92
N ASP A 77 3.21 13.64 19.08
CA ASP A 77 4.13 14.49 19.88
C ASP A 77 4.01 14.11 21.36
N GLY A 78 2.84 13.71 21.86
CA GLY A 78 2.71 13.22 23.26
C GLY A 78 3.60 12.00 23.48
N PHE A 79 3.61 11.09 22.55
CA PHE A 79 4.40 9.87 22.71
C PHE A 79 5.92 10.28 22.59
N GLN A 80 6.25 11.18 21.63
CA GLN A 80 7.66 11.59 21.49
C GLN A 80 8.18 12.23 22.73
N LYS A 81 7.38 13.09 23.33
CA LYS A 81 7.83 13.81 24.55
C LYS A 81 8.25 12.82 25.63
N ALA A 82 7.52 11.73 25.72
CA ALA A 82 7.81 10.71 26.73
C ALA A 82 9.14 10.05 26.34
N CYS A 83 9.34 9.75 25.06
CA CYS A 83 10.56 9.10 24.59
C CYS A 83 11.74 10.05 24.75
N MET A 84 11.53 11.31 24.53
CA MET A 84 12.68 12.26 24.58
C MET A 84 13.09 12.52 26.07
N SER A 85 12.28 12.07 26.99
CA SER A 85 12.47 12.29 28.41
C SER A 85 13.31 11.14 29.01
N THR A 86 13.61 10.12 28.29
CA THR A 86 14.55 9.07 28.75
C THR A 86 15.94 9.64 29.02
N ARG A 87 16.75 8.84 29.69
CA ARG A 87 18.16 9.22 29.89
C ARG A 87 18.92 9.66 28.67
N LEU A 88 18.79 8.93 27.58
CA LEU A 88 19.53 9.20 26.37
C LEU A 88 18.71 10.09 25.40
N GLY A 89 17.42 10.15 25.64
CA GLY A 89 16.59 11.03 24.80
C GLY A 89 16.60 10.63 23.29
N ILE A 90 16.47 9.31 23.04
CA ILE A 90 16.42 8.78 21.71
C ILE A 90 14.93 8.95 21.19
N PRO A 91 14.75 9.73 20.14
CA PRO A 91 13.37 9.85 19.59
C PRO A 91 12.84 8.57 18.99
N MET A 92 11.54 8.29 19.25
CA MET A 92 10.90 7.23 18.54
C MET A 92 10.60 7.61 17.10
N ILE A 93 10.42 6.58 16.28
CA ILE A 93 9.93 6.64 14.90
C ILE A 93 8.54 6.03 14.89
N TYR A 94 7.57 6.76 14.30
CA TYR A 94 6.18 6.34 14.26
C TYR A 94 5.83 5.93 12.79
N GLY A 95 5.40 4.67 12.65
CA GLY A 95 4.99 4.05 11.37
C GLY A 95 3.54 3.87 11.11
N ILE A 96 3.19 3.87 9.86
CA ILE A 96 1.79 3.63 9.51
C ILE A 96 1.71 3.05 8.11
N ASP A 97 0.59 2.42 7.76
CA ASP A 97 0.32 1.96 6.39
C ASP A 97 -0.25 3.16 5.58
N ALA A 98 0.63 3.96 4.99
CA ALA A 98 0.20 5.00 4.04
C ALA A 98 0.55 4.34 2.69
N VAL A 99 -0.39 3.48 2.19
CA VAL A 99 -0.10 2.65 1.04
C VAL A 99 -0.86 3.15 -0.24
N HIS A 100 -1.82 4.07 -0.11
CA HIS A 100 -2.43 4.75 -1.25
C HIS A 100 -2.91 6.07 -0.80
N GLY A 101 -1.88 6.91 -0.43
CA GLY A 101 -2.13 8.11 0.40
C GLY A 101 -2.07 7.72 1.88
N GLN A 102 -2.30 8.72 2.74
CA GLN A 102 -2.30 8.57 4.18
C GLN A 102 -3.65 8.02 4.64
N ASN A 103 -3.84 6.79 4.26
CA ASN A 103 -5.16 6.22 4.06
C ASN A 103 -5.93 5.86 5.38
N ASN A 104 -5.31 5.79 6.55
CA ASN A 104 -6.12 5.69 7.82
C ASN A 104 -6.79 6.98 8.28
N VAL A 105 -6.40 8.12 7.66
CA VAL A 105 -6.75 9.42 8.16
C VAL A 105 -7.94 10.01 7.38
N TYR A 106 -8.90 10.50 8.16
CA TYR A 106 -10.09 11.18 7.61
C TYR A 106 -9.65 12.44 6.87
N GLY A 107 -10.11 12.63 5.64
CA GLY A 107 -9.69 13.82 4.86
C GLY A 107 -8.41 13.69 4.10
N ALA A 108 -7.68 12.59 4.22
CA ALA A 108 -6.54 12.38 3.39
C ALA A 108 -6.89 12.02 1.95
N THR A 109 -6.08 12.56 1.05
CA THR A 109 -6.21 12.12 -0.37
C THR A 109 -6.02 10.63 -0.54
N ILE A 110 -6.98 9.92 -1.17
CA ILE A 110 -6.84 8.46 -1.37
C ILE A 110 -6.50 8.20 -2.84
N PHE A 111 -5.28 7.78 -3.09
CA PHE A 111 -4.84 7.45 -4.47
C PHE A 111 -5.34 6.09 -4.93
N PRO A 112 -5.32 5.84 -6.25
CA PRO A 112 -5.56 4.43 -6.72
C PRO A 112 -4.59 3.48 -6.10
N HIS A 113 -5.14 2.29 -5.78
CA HIS A 113 -4.31 1.19 -5.40
C HIS A 113 -3.29 0.75 -6.45
N ASN A 114 -2.25 0.07 -5.97
CA ASN A 114 -1.19 -0.29 -6.82
C ASN A 114 -1.45 -0.96 -8.17
N VAL A 115 -2.41 -1.89 -8.27
CA VAL A 115 -2.67 -2.50 -9.54
C VAL A 115 -3.04 -1.49 -10.63
N GLY A 116 -3.85 -0.50 -10.24
CA GLY A 116 -4.16 0.55 -11.16
C GLY A 116 -3.01 1.42 -11.49
N LEU A 117 -2.11 1.65 -10.57
CA LEU A 117 -0.94 2.44 -10.90
C LEU A 117 -0.09 1.70 -11.93
N GLY A 118 -0.01 0.38 -11.77
CA GLY A 118 0.66 -0.46 -12.78
C GLY A 118 0.13 -0.32 -14.16
N ALA A 119 -1.17 -0.15 -14.24
CA ALA A 119 -1.81 0.12 -15.53
C ALA A 119 -1.41 1.39 -16.21
N THR A 120 -0.95 2.36 -15.42
CA THR A 120 -0.47 3.63 -16.01
C THR A 120 0.83 3.58 -16.79
N ARG A 121 1.60 2.59 -16.51
CA ARG A 121 3.00 2.53 -16.93
C ARG A 121 3.71 3.88 -16.82
N ASP A 122 3.50 4.58 -15.69
CA ASP A 122 3.97 5.96 -15.51
C ASP A 122 4.74 6.07 -14.20
N PRO A 123 6.02 5.69 -14.16
CA PRO A 123 6.78 5.78 -12.90
C PRO A 123 6.90 7.17 -12.38
N TYR A 124 6.98 8.18 -13.23
CA TYR A 124 6.98 9.53 -12.73
C TYR A 124 5.74 9.98 -11.98
N LEU A 125 4.58 9.61 -12.48
CA LEU A 125 3.30 9.80 -11.81
C LEU A 125 3.40 9.08 -10.42
N VAL A 126 3.98 7.88 -10.30
CA VAL A 126 4.04 7.16 -9.05
C VAL A 126 5.05 7.90 -8.08
N LYS A 127 6.16 8.46 -8.63
CA LYS A 127 7.03 9.29 -7.83
C LYS A 127 6.29 10.47 -7.25
N ARG A 128 5.47 11.16 -8.04
CA ARG A 128 4.73 12.34 -7.61
C ARG A 128 3.76 11.94 -6.53
N ILE A 129 3.19 10.76 -6.69
CA ILE A 129 2.24 10.26 -5.64
C ILE A 129 3.04 10.01 -4.31
N GLY A 130 4.22 9.41 -4.39
CA GLY A 130 5.10 9.34 -3.21
C GLY A 130 5.39 10.64 -2.58
N GLU A 131 5.69 11.67 -3.40
CA GLU A 131 5.90 12.94 -2.89
C GLU A 131 4.71 13.53 -2.09
N ALA A 132 3.56 13.46 -2.68
CA ALA A 132 2.37 13.95 -2.09
C ALA A 132 1.98 13.18 -0.85
N THR A 133 2.22 11.88 -0.89
CA THR A 133 1.91 11.03 0.28
C THR A 133 2.82 11.32 1.44
N ALA A 134 4.14 11.53 1.19
CA ALA A 134 5.05 12.02 2.24
C ALA A 134 4.50 13.31 2.92
N LEU A 135 4.01 14.26 2.13
CA LEU A 135 3.53 15.52 2.71
C LEU A 135 2.27 15.26 3.61
N GLU A 136 1.40 14.37 3.14
CA GLU A 136 0.17 14.07 3.90
C GLU A 136 0.49 13.25 5.11
N VAL A 137 1.48 12.39 5.05
CA VAL A 137 1.87 11.67 6.30
C VAL A 137 2.53 12.63 7.33
N ARG A 138 3.44 13.53 6.87
CA ARG A 138 4.06 14.52 7.77
C ARG A 138 3.00 15.57 8.27
N ALA A 139 1.92 15.71 7.53
CA ALA A 139 0.77 16.54 7.97
C ALA A 139 0.23 16.03 9.31
N THR A 140 0.37 14.74 9.50
CA THR A 140 -0.26 14.06 10.69
C THR A 140 0.86 13.74 11.75
N GLY A 141 2.05 14.18 11.48
CA GLY A 141 3.19 14.02 12.46
C GLY A 141 3.96 12.72 12.35
N ILE A 142 3.56 11.94 11.37
CA ILE A 142 4.14 10.62 11.15
C ILE A 142 5.32 10.65 10.24
N GLN A 143 6.36 9.87 10.63
CA GLN A 143 7.64 9.95 9.92
C GLN A 143 7.99 8.73 9.05
N TYR A 144 7.14 7.69 8.99
CA TYR A 144 7.52 6.40 8.42
C TYR A 144 6.24 5.74 7.84
N ALA A 145 6.34 5.36 6.57
CA ALA A 145 5.31 4.70 5.81
C ALA A 145 5.70 3.32 5.49
N PHE A 146 4.80 2.37 5.76
CA PHE A 146 5.07 0.93 5.39
C PHE A 146 4.71 0.64 3.89
N ALA A 147 5.49 1.24 2.98
CA ALA A 147 5.25 1.17 1.58
C ALA A 147 6.55 1.53 0.87
N PRO A 148 6.77 1.03 -0.36
CA PRO A 148 5.85 0.26 -1.14
C PRO A 148 5.81 -1.23 -0.94
N CYS A 149 4.59 -1.78 -1.11
CA CYS A 149 4.44 -3.22 -1.41
C CYS A 149 4.97 -3.52 -2.82
N ILE A 150 6.17 -4.18 -2.91
CA ILE A 150 6.76 -4.61 -4.18
C ILE A 150 6.53 -6.10 -4.40
N ALA A 151 5.50 -6.69 -3.82
CA ALA A 151 5.08 -8.04 -4.24
C ALA A 151 4.81 -8.06 -5.76
N VAL A 152 5.08 -9.22 -6.34
CA VAL A 152 4.83 -9.50 -7.78
C VAL A 152 3.74 -10.61 -7.71
N CYS A 153 2.47 -10.18 -7.79
CA CYS A 153 1.38 -11.10 -7.59
C CYS A 153 1.20 -12.01 -8.83
N ARG A 154 1.37 -13.33 -8.61
CA ARG A 154 1.45 -14.28 -9.71
C ARG A 154 0.13 -15.08 -9.79
N ASP A 155 -0.85 -14.80 -8.89
CA ASP A 155 -2.15 -15.45 -8.95
C ASP A 155 -3.18 -14.53 -8.33
N PRO A 156 -4.14 -14.04 -9.09
CA PRO A 156 -5.05 -13.04 -8.63
C PRO A 156 -6.05 -13.52 -7.60
N ARG A 157 -6.04 -14.81 -7.32
CA ARG A 157 -6.85 -15.24 -6.18
C ARG A 157 -6.35 -14.75 -4.79
N TRP A 158 -5.13 -14.24 -4.74
CA TRP A 158 -4.61 -13.64 -3.53
C TRP A 158 -5.34 -12.26 -3.16
N GLY A 159 -5.75 -12.16 -1.90
CA GLY A 159 -6.38 -11.02 -1.31
C GLY A 159 -5.56 -9.72 -1.35
N ARG A 160 -4.27 -9.79 -1.64
CA ARG A 160 -3.39 -8.60 -1.71
C ARG A 160 -2.97 -8.34 -3.11
N CYS A 161 -3.60 -9.02 -4.07
CA CYS A 161 -3.15 -8.80 -5.50
C CYS A 161 -3.23 -7.27 -5.88
N TYR A 162 -4.18 -6.53 -5.33
CA TYR A 162 -4.31 -5.05 -5.63
C TYR A 162 -3.19 -4.22 -5.10
N GLU A 163 -2.46 -4.79 -4.11
CA GLU A 163 -1.23 -4.16 -3.61
C GLU A 163 0.00 -4.41 -4.42
N SER A 164 -0.14 -5.21 -5.50
CA SER A 164 0.92 -5.43 -6.43
C SER A 164 0.80 -4.66 -7.71
N TYR A 165 1.86 -3.94 -8.07
CA TYR A 165 1.75 -3.16 -9.31
C TYR A 165 1.43 -4.04 -10.55
N SER A 166 1.92 -5.28 -10.58
CA SER A 166 1.93 -6.13 -11.78
C SER A 166 2.38 -7.54 -11.53
N GLU A 167 1.94 -8.45 -12.35
CA GLU A 167 2.50 -9.80 -12.39
C GLU A 167 3.83 -9.82 -13.06
N ASP A 168 4.20 -8.72 -13.70
CA ASP A 168 5.50 -8.61 -14.41
C ASP A 168 6.50 -7.83 -13.59
N ARG A 169 7.53 -8.50 -13.09
CA ARG A 169 8.50 -7.87 -12.26
C ARG A 169 9.09 -6.63 -12.90
N ARG A 170 9.18 -6.54 -14.21
CA ARG A 170 9.76 -5.31 -14.75
C ARG A 170 8.90 -4.07 -14.49
N ILE A 171 7.58 -4.25 -14.45
CA ILE A 171 6.71 -3.09 -14.14
C ILE A 171 6.87 -2.74 -12.66
N VAL A 172 6.91 -3.76 -11.77
CA VAL A 172 7.10 -3.52 -10.34
C VAL A 172 8.44 -2.76 -10.13
N GLN A 173 9.50 -3.25 -10.75
CA GLN A 173 10.75 -2.53 -10.72
C GLN A 173 10.64 -1.03 -11.13
N SER A 174 9.96 -0.73 -12.24
CA SER A 174 9.74 0.64 -12.68
C SER A 174 9.02 1.48 -11.63
N MET A 175 8.17 0.84 -10.82
CA MET A 175 7.32 1.59 -9.92
C MET A 175 7.96 1.79 -8.54
N THR A 176 9.15 1.24 -8.36
CA THR A 176 9.96 1.60 -7.24
C THR A 176 10.31 3.07 -7.15
N GLU A 177 10.06 3.87 -8.17
CA GLU A 177 10.03 5.35 -8.07
C GLU A 177 9.20 5.88 -6.94
N LEU A 178 8.26 5.09 -6.38
CA LEU A 178 7.55 5.60 -5.20
C LEU A 178 8.57 6.00 -4.11
N ILE A 179 9.68 5.22 -4.02
CA ILE A 179 10.67 5.32 -2.93
C ILE A 179 11.27 6.72 -2.85
N PRO A 180 11.95 7.20 -3.93
CA PRO A 180 12.49 8.49 -3.87
C PRO A 180 11.39 9.62 -3.82
N GLY A 181 10.14 9.30 -4.19
CA GLY A 181 9.06 10.24 -3.88
C GLY A 181 8.83 10.41 -2.40
N LEU A 182 8.64 9.27 -1.71
CA LEU A 182 8.44 9.29 -0.29
C LEU A 182 9.66 9.87 0.50
N GLN A 183 10.86 9.45 0.17
CA GLN A 183 12.01 9.72 0.91
C GLN A 183 12.93 10.88 0.39
N GLY A 184 12.69 11.32 -0.81
CA GLY A 184 13.64 12.17 -1.60
C GLY A 184 14.61 11.41 -2.43
N ASP A 185 15.14 12.12 -3.45
CA ASP A 185 16.16 11.58 -4.29
C ASP A 185 17.48 11.47 -3.58
N VAL A 186 18.15 10.35 -3.81
CA VAL A 186 19.48 10.08 -3.16
C VAL A 186 20.57 10.93 -3.87
N PRO A 187 21.64 11.29 -3.19
CA PRO A 187 22.69 12.14 -3.85
C PRO A 187 23.42 11.47 -4.98
N LYS A 188 24.15 12.25 -5.77
CA LYS A 188 24.83 11.62 -6.94
C LYS A 188 25.78 10.46 -6.50
N ASP A 189 26.46 10.66 -5.40
CA ASP A 189 27.50 9.68 -4.95
C ASP A 189 26.94 8.26 -4.52
N PHE A 190 25.64 8.05 -4.47
CA PHE A 190 25.05 7.25 -3.40
C PHE A 190 25.50 5.80 -3.40
N THR A 191 25.84 5.22 -2.27
CA THR A 191 26.06 3.75 -2.25
C THR A 191 24.80 2.87 -2.12
N SER A 192 24.54 2.03 -3.10
CA SER A 192 23.35 1.14 -3.10
C SER A 192 23.29 0.36 -1.76
N GLY A 193 22.15 0.38 -1.15
CA GLY A 193 21.87 -0.34 0.14
C GLY A 193 21.85 0.53 1.41
N MET A 194 22.42 1.71 1.34
CA MET A 194 22.40 2.69 2.38
C MET A 194 20.96 3.24 2.49
N PRO A 195 20.57 3.60 3.72
CA PRO A 195 19.16 4.18 3.92
C PRO A 195 19.30 5.67 3.56
N PHE A 196 18.21 6.33 3.19
CA PHE A 196 18.19 7.74 2.95
C PHE A 196 16.83 8.32 3.16
N VAL A 197 16.76 9.49 3.76
CA VAL A 197 15.47 10.29 3.81
C VAL A 197 16.01 11.72 3.83
N ALA A 198 15.43 12.60 3.05
CA ALA A 198 15.98 13.91 2.81
C ALA A 198 15.91 14.84 4.02
N GLY A 199 14.95 14.66 4.87
CA GLY A 199 14.65 15.57 5.95
C GLY A 199 13.17 15.59 6.39
N LYS A 200 12.77 16.66 7.10
CA LYS A 200 11.52 16.64 7.90
C LYS A 200 10.23 16.69 7.06
N ASN A 201 10.33 17.02 5.77
CA ASN A 201 9.18 16.99 4.85
C ASN A 201 9.08 15.69 4.00
N LYS A 202 9.96 14.69 4.29
CA LYS A 202 9.94 13.37 3.69
C LYS A 202 9.70 12.32 4.84
N VAL A 203 9.50 11.06 4.45
CA VAL A 203 9.30 9.93 5.38
C VAL A 203 10.23 8.83 4.97
N ALA A 204 10.53 8.01 5.95
CA ALA A 204 11.21 6.73 5.73
C ALA A 204 10.22 5.78 5.03
N ALA A 205 10.71 5.03 4.05
CA ALA A 205 9.94 4.05 3.25
C ALA A 205 10.28 2.64 3.74
N CYS A 206 9.48 1.70 3.21
CA CYS A 206 9.55 0.26 3.58
C CYS A 206 9.23 -0.65 2.38
N ALA A 207 10.25 -1.35 1.85
CA ALA A 207 10.00 -2.22 0.76
C ALA A 207 9.50 -3.52 1.41
N LYS A 208 8.32 -3.96 0.96
CA LYS A 208 7.67 -5.10 1.65
C LYS A 208 6.99 -6.02 0.62
N HIS A 209 6.73 -7.28 0.94
CA HIS A 209 7.19 -8.01 2.06
C HIS A 209 8.21 -9.10 1.58
N PHE A 210 9.38 -9.05 2.18
CA PHE A 210 10.53 -9.78 1.70
C PHE A 210 10.37 -11.24 2.13
N VAL A 211 10.37 -12.18 1.18
CA VAL A 211 10.36 -12.05 -0.29
C VAL A 211 9.50 -13.22 -0.79
N GLY A 212 8.85 -13.01 -1.93
CA GLY A 212 7.94 -13.98 -2.54
C GLY A 212 6.53 -14.01 -2.01
N ASP A 213 6.13 -12.93 -1.36
CA ASP A 213 4.79 -12.78 -0.90
C ASP A 213 3.69 -12.99 -1.97
N GLY A 214 3.98 -12.59 -3.23
CA GLY A 214 3.12 -12.66 -4.39
C GLY A 214 3.13 -14.02 -5.11
N GLY A 215 3.98 -14.94 -4.58
CA GLY A 215 4.23 -16.25 -5.28
C GLY A 215 3.55 -17.39 -4.54
N THR A 216 2.63 -17.08 -3.66
CA THR A 216 2.16 -18.17 -2.84
C THR A 216 1.25 -19.21 -3.56
N VAL A 217 1.17 -20.45 -3.02
CA VAL A 217 0.39 -21.54 -3.67
C VAL A 217 -1.09 -21.14 -3.71
N ASP A 218 -1.69 -21.19 -4.93
CA ASP A 218 -3.10 -20.84 -5.18
C ASP A 218 -3.41 -19.41 -4.68
N GLY A 219 -2.41 -18.52 -4.63
CA GLY A 219 -2.70 -17.23 -4.04
C GLY A 219 -3.17 -17.23 -2.58
N ILE A 220 -2.91 -18.27 -1.78
CA ILE A 220 -3.34 -18.28 -0.39
C ILE A 220 -2.39 -17.32 0.38
N ASN A 221 -3.00 -16.35 1.07
CA ASN A 221 -2.23 -15.28 1.72
C ASN A 221 -1.39 -15.80 2.87
N ALA A 222 -0.14 -15.42 2.81
CA ALA A 222 0.80 -15.68 3.90
C ALA A 222 1.22 -17.16 3.91
N ASN A 223 1.01 -17.83 2.77
CA ASN A 223 1.20 -19.33 2.70
C ASN A 223 2.59 -19.67 2.18
N ASN A 224 2.76 -20.74 1.41
CA ASN A 224 4.13 -21.17 1.01
C ASN A 224 4.26 -20.82 -0.46
N THR A 225 5.40 -20.30 -0.81
CA THR A 225 5.80 -20.00 -2.18
C THR A 225 6.77 -21.12 -2.59
N ILE A 226 6.33 -21.97 -3.51
CA ILE A 226 7.17 -23.17 -3.93
C ILE A 226 7.81 -22.80 -5.24
N ILE A 227 9.11 -22.55 -5.29
CA ILE A 227 9.69 -22.10 -6.53
C ILE A 227 11.12 -22.27 -6.27
N ASN A 228 11.87 -22.66 -7.29
CA ASN A 228 13.32 -22.80 -7.07
C ASN A 228 13.99 -21.45 -6.93
N ARG A 229 15.20 -21.47 -6.46
CA ARG A 229 15.96 -20.20 -6.27
C ARG A 229 16.05 -19.35 -7.51
N GLU A 230 16.28 -20.01 -8.65
CA GLU A 230 16.37 -19.26 -9.88
C GLU A 230 15.07 -18.39 -10.12
N GLY A 231 13.91 -19.00 -9.94
CA GLY A 231 12.67 -18.32 -10.11
C GLY A 231 12.43 -17.24 -9.05
N LEU A 232 12.82 -17.53 -7.81
CA LEU A 232 12.77 -16.52 -6.67
C LEU A 232 13.54 -15.30 -7.09
N MET A 233 14.76 -15.52 -7.62
CA MET A 233 15.61 -14.42 -7.99
C MET A 233 15.21 -13.69 -9.28
N ASN A 234 14.53 -14.38 -10.17
CA ASN A 234 14.16 -13.86 -11.48
C ASN A 234 12.82 -13.08 -11.41
N ILE A 235 11.97 -13.50 -10.46
CA ILE A 235 10.62 -12.93 -10.35
C ILE A 235 10.38 -12.07 -9.12
N HIS A 236 10.64 -12.62 -7.96
CA HIS A 236 10.29 -11.97 -6.74
C HIS A 236 11.29 -11.01 -6.14
N MET A 237 12.58 -11.22 -6.41
CA MET A 237 13.67 -10.50 -5.83
C MET A 237 14.03 -9.23 -6.59
N PRO A 238 13.88 -9.19 -7.93
CA PRO A 238 14.62 -8.03 -8.51
C PRO A 238 14.30 -6.60 -8.06
N ALA A 239 13.00 -6.32 -7.82
CA ALA A 239 12.63 -4.96 -7.31
C ALA A 239 13.28 -4.56 -5.95
N TYR A 240 13.62 -5.56 -5.14
CA TYR A 240 14.40 -5.28 -3.89
C TYR A 240 15.77 -4.66 -4.23
N LYS A 241 16.39 -5.03 -5.37
CA LYS A 241 17.69 -4.50 -5.69
C LYS A 241 17.50 -3.04 -6.16
N ASN A 242 16.48 -2.77 -6.96
CA ASN A 242 16.09 -1.38 -7.32
C ASN A 242 15.83 -0.54 -6.07
N ALA A 243 15.20 -1.14 -5.08
CA ALA A 243 14.97 -0.44 -3.82
C ALA A 243 16.27 -0.06 -3.08
N MET A 244 17.23 -1.01 -3.03
CA MET A 244 18.54 -0.70 -2.46
C MET A 244 19.24 0.44 -3.21
N ASP A 245 19.16 0.43 -4.55
CA ASP A 245 19.75 1.46 -5.37
C ASP A 245 19.15 2.79 -5.08
N LYS A 246 17.87 2.83 -4.67
CA LYS A 246 17.22 4.09 -4.34
C LYS A 246 17.17 4.45 -2.85
N GLY A 247 17.89 3.68 -2.02
CA GLY A 247 18.12 4.10 -0.70
C GLY A 247 16.91 3.81 0.24
N VAL A 248 16.15 2.75 0.00
CA VAL A 248 14.95 2.45 0.82
C VAL A 248 15.45 2.28 2.25
N SER A 249 14.77 2.88 3.18
CA SER A 249 15.34 2.90 4.60
C SER A 249 15.15 1.65 5.42
N THR A 250 14.01 0.99 5.17
CA THR A 250 13.69 -0.22 5.82
C THR A 250 13.13 -1.31 4.89
N VAL A 251 13.11 -2.53 5.39
CA VAL A 251 12.51 -3.67 4.69
C VAL A 251 11.71 -4.50 5.67
N MET A 252 10.48 -4.78 5.32
CA MET A 252 9.64 -5.67 6.16
C MET A 252 9.59 -7.07 5.68
N ILE A 253 9.68 -8.03 6.59
CA ILE A 253 9.73 -9.41 6.25
C ILE A 253 8.30 -9.97 6.07
N SER A 254 8.14 -10.94 5.17
CA SER A 254 6.86 -11.54 4.79
C SER A 254 6.43 -12.59 5.81
N TYR A 255 5.15 -12.66 6.05
CA TYR A 255 4.57 -13.89 6.76
C TYR A 255 4.76 -15.26 6.02
N SER A 256 4.88 -15.15 4.66
CA SER A 256 4.93 -16.27 3.76
C SER A 256 6.21 -17.06 4.00
N SER A 257 6.15 -18.31 3.57
CA SER A 257 7.33 -19.18 3.56
C SER A 257 7.94 -19.37 2.16
N TRP A 258 9.20 -19.86 2.09
CA TRP A 258 9.77 -20.16 0.77
C TRP A 258 10.23 -21.62 0.84
N ASN A 259 9.63 -22.43 0.02
CA ASN A 259 9.87 -23.93 0.04
C ASN A 259 9.75 -24.50 1.43
N GLY A 260 8.73 -24.01 2.16
CA GLY A 260 8.53 -24.45 3.54
C GLY A 260 9.29 -23.81 4.71
N VAL A 261 10.21 -22.84 4.44
CA VAL A 261 10.96 -22.13 5.45
C VAL A 261 10.25 -20.75 5.65
N LYS A 262 9.80 -20.51 6.87
CA LYS A 262 9.21 -19.17 7.25
C LYS A 262 10.22 -18.08 6.95
N MET A 263 9.84 -17.07 6.20
CA MET A 263 10.72 -15.87 5.99
C MET A 263 11.25 -15.22 7.27
N HIS A 264 10.41 -15.16 8.32
CA HIS A 264 10.74 -14.56 9.61
C HIS A 264 11.84 -15.37 10.34
N ALA A 265 12.11 -16.58 9.86
CA ALA A 265 13.24 -17.44 10.42
C ALA A 265 14.31 -17.73 9.43
N ASN A 266 14.36 -17.06 8.28
CA ASN A 266 15.29 -17.37 7.19
C ASN A 266 16.59 -16.60 7.22
N GLN A 267 17.58 -17.14 7.95
CA GLN A 267 18.82 -16.46 8.00
C GLN A 267 19.54 -16.31 6.69
N ASP A 268 19.49 -17.31 5.84
CA ASP A 268 20.16 -17.30 4.56
C ASP A 268 19.65 -16.16 3.71
N LEU A 269 18.35 -15.96 3.68
CA LEU A 269 17.84 -14.80 2.91
C LEU A 269 17.93 -13.41 3.57
N VAL A 270 17.58 -13.33 4.85
CA VAL A 270 17.59 -12.02 5.56
C VAL A 270 19.02 -11.57 5.79
N THR A 271 19.89 -12.45 6.27
CA THR A 271 21.25 -11.98 6.61
C THR A 271 22.16 -12.30 5.44
N GLY A 272 22.16 -13.54 5.01
CA GLY A 272 22.97 -13.93 3.79
C GLY A 272 22.75 -13.20 2.50
N TYR A 273 21.49 -12.96 2.13
CA TYR A 273 21.23 -12.31 0.89
C TYR A 273 20.98 -10.74 1.06
N LEU A 274 19.93 -10.39 1.82
CA LEU A 274 19.57 -9.00 1.91
C LEU A 274 20.70 -8.20 2.51
N LYS A 275 21.18 -8.59 3.70
CA LYS A 275 22.23 -7.81 4.30
C LYS A 275 23.63 -8.01 3.65
N ASP A 276 24.05 -9.25 3.54
CA ASP A 276 25.43 -9.54 3.10
C ASP A 276 25.65 -9.44 1.61
N THR A 277 24.63 -9.66 0.77
CA THR A 277 24.83 -9.72 -0.69
C THR A 277 24.34 -8.45 -1.29
N LEU A 278 23.11 -8.05 -0.97
CA LEU A 278 22.62 -6.70 -1.44
C LEU A 278 23.20 -5.51 -0.66
N LYS A 279 23.90 -5.77 0.45
CA LYS A 279 24.54 -4.79 1.26
C LYS A 279 23.51 -3.75 1.86
N PHE A 280 22.34 -4.25 2.16
CA PHE A 280 21.36 -3.40 2.90
C PHE A 280 21.88 -2.99 4.26
N LYS A 281 21.80 -1.67 4.50
CA LYS A 281 22.29 -1.07 5.72
C LYS A 281 21.24 -0.31 6.55
N GLY A 282 19.99 -0.33 6.07
CA GLY A 282 18.92 0.23 6.84
C GLY A 282 18.47 -0.89 7.85
N PHE A 283 17.29 -0.77 8.37
CA PHE A 283 16.74 -1.80 9.29
C PHE A 283 15.70 -2.67 8.67
N VAL A 284 15.73 -3.89 9.19
CA VAL A 284 14.77 -4.94 8.87
C VAL A 284 13.75 -5.11 9.94
N ILE A 285 12.45 -4.97 9.58
CA ILE A 285 11.39 -4.98 10.54
C ILE A 285 10.57 -6.21 10.29
N SER A 286 10.01 -6.85 11.39
CA SER A 286 9.09 -7.89 11.19
C SER A 286 7.70 -7.39 10.72
N ASP A 287 6.83 -8.30 10.30
CA ASP A 287 5.38 -7.94 10.14
C ASP A 287 4.75 -8.16 11.50
N TRP A 288 3.44 -7.93 11.55
CA TRP A 288 2.64 -7.77 12.76
C TRP A 288 2.47 -9.18 13.33
N GLU A 289 3.04 -9.39 14.49
CA GLU A 289 3.11 -10.77 15.10
C GLU A 289 3.70 -11.76 14.11
N GLY A 290 4.58 -11.24 13.25
CA GLY A 290 5.27 -12.11 12.37
C GLY A 290 6.16 -13.17 13.05
N ILE A 291 6.86 -12.82 14.10
CA ILE A 291 7.70 -13.81 14.77
C ILE A 291 6.83 -14.90 15.47
N ASP A 292 5.70 -14.49 16.02
CA ASP A 292 4.73 -15.43 16.62
C ASP A 292 4.30 -16.49 15.66
N ARG A 293 4.12 -16.06 14.38
CA ARG A 293 3.59 -16.89 13.32
C ARG A 293 4.59 -17.79 12.66
N ILE A 294 5.81 -17.81 13.21
CA ILE A 294 6.84 -18.82 12.82
C ILE A 294 6.38 -20.20 13.20
N THR A 295 5.71 -20.31 14.30
CA THR A 295 5.27 -21.61 14.81
C THR A 295 3.80 -21.81 14.45
N THR A 296 3.33 -23.07 14.53
CA THR A 296 1.89 -23.41 14.43
C THR A 296 1.54 -24.31 15.65
N PRO A 297 0.52 -23.95 16.42
CA PRO A 297 -0.16 -22.66 16.33
C PRO A 297 0.84 -21.43 16.57
N ALA A 298 0.39 -20.30 16.05
CA ALA A 298 1.12 -19.04 16.22
C ALA A 298 1.19 -18.88 17.71
N GLY A 299 2.33 -18.44 18.18
CA GLY A 299 2.49 -18.03 19.54
C GLY A 299 2.67 -19.19 20.51
N SER A 300 2.90 -20.39 20.01
CA SER A 300 2.97 -21.49 20.92
C SER A 300 4.41 -21.64 21.44
N ASP A 301 5.45 -20.97 20.89
CA ASP A 301 6.72 -21.02 21.59
C ASP A 301 7.43 -19.71 21.32
N TYR A 302 7.00 -18.71 22.12
CA TYR A 302 7.44 -17.33 21.85
C TYR A 302 8.89 -17.20 22.08
N SER A 303 9.38 -17.91 23.05
CA SER A 303 10.85 -17.97 23.21
C SER A 303 11.58 -18.34 21.93
N TYR A 304 11.11 -19.40 21.26
CA TYR A 304 11.70 -19.83 19.97
C TYR A 304 11.49 -18.73 18.92
N SER A 305 10.29 -18.17 18.89
CA SER A 305 10.03 -17.06 17.89
C SER A 305 11.10 -15.96 17.96
N VAL A 306 11.41 -15.57 19.16
CA VAL A 306 12.39 -14.49 19.45
C VAL A 306 13.76 -14.91 19.01
N LYS A 307 14.17 -16.12 19.47
CA LYS A 307 15.45 -16.59 19.06
C LYS A 307 15.64 -16.69 17.55
N ALA A 308 14.70 -17.38 16.93
CA ALA A 308 14.80 -17.62 15.51
C ALA A 308 14.85 -16.38 14.64
N SER A 309 13.96 -15.46 15.00
CA SER A 309 13.85 -14.18 14.23
C SER A 309 15.08 -13.27 14.34
N ILE A 310 15.52 -13.06 15.57
CA ILE A 310 16.63 -12.20 15.86
C ILE A 310 17.91 -12.88 15.34
N LEU A 311 18.07 -14.21 15.48
CA LEU A 311 19.20 -14.90 14.84
C LEU A 311 19.14 -14.82 13.32
N ALA A 312 17.94 -14.84 12.76
CA ALA A 312 17.81 -14.74 11.33
C ALA A 312 18.30 -13.40 10.78
N GLY A 313 18.34 -12.35 11.63
CA GLY A 313 18.81 -11.07 11.19
C GLY A 313 17.77 -9.90 11.25
N LEU A 314 16.62 -10.15 11.88
CA LEU A 314 15.65 -9.10 12.02
C LEU A 314 16.18 -8.12 13.00
N ASP A 315 15.88 -6.84 12.78
CA ASP A 315 16.32 -5.79 13.64
C ASP A 315 15.35 -5.16 14.58
N MET A 316 14.14 -4.89 14.10
CA MET A 316 13.08 -4.32 14.86
C MET A 316 11.83 -5.22 14.77
N ILE A 317 11.18 -5.45 15.90
CA ILE A 317 10.08 -6.33 16.01
C ILE A 317 8.79 -5.52 16.20
N MET A 318 7.90 -5.76 15.26
CA MET A 318 6.52 -5.25 15.33
C MET A 318 5.74 -6.17 16.27
N VAL A 319 5.83 -5.88 17.56
CA VAL A 319 5.39 -6.87 18.59
C VAL A 319 3.96 -7.32 18.40
N PRO A 320 2.98 -6.42 18.37
CA PRO A 320 3.08 -5.01 18.71
C PRO A 320 2.47 -4.73 20.09
N ASN A 321 1.87 -5.75 20.72
CA ASN A 321 1.15 -5.59 21.98
C ASN A 321 1.88 -6.06 23.18
N LYS A 322 2.41 -7.31 23.17
CA LYS A 322 3.10 -7.92 24.31
C LYS A 322 4.52 -7.58 24.43
N TYR A 323 4.74 -6.29 24.64
CA TYR A 323 6.09 -5.77 24.69
C TYR A 323 6.90 -6.30 25.90
N GLN A 324 6.19 -6.50 26.99
CA GLN A 324 6.89 -6.85 28.20
C GLN A 324 7.51 -8.26 28.02
N GLN A 325 6.69 -9.16 27.53
CA GLN A 325 7.18 -10.54 27.18
C GLN A 325 8.30 -10.53 26.13
N PHE A 326 8.18 -9.74 25.06
CA PHE A 326 9.28 -9.66 24.12
C PHE A 326 10.53 -9.23 24.75
N ILE A 327 10.48 -8.15 25.49
CA ILE A 327 11.70 -7.57 26.07
C ILE A 327 12.34 -8.56 27.13
N SER A 328 11.49 -9.18 27.90
CA SER A 328 11.90 -10.13 28.91
C SER A 328 12.60 -11.32 28.27
N ILE A 329 11.99 -11.88 27.23
CA ILE A 329 12.56 -13.05 26.53
C ILE A 329 13.86 -12.73 25.83
N LEU A 330 13.90 -11.57 25.11
CA LEU A 330 15.12 -11.26 24.40
C LEU A 330 16.23 -10.98 25.43
N THR A 331 15.89 -10.26 26.51
CA THR A 331 16.87 -10.02 27.59
C THR A 331 17.48 -11.37 28.13
N GLY A 332 16.60 -12.31 28.51
CA GLY A 332 17.00 -13.72 28.89
C GLY A 332 17.97 -14.33 27.87
N HIS A 333 17.61 -14.26 26.57
CA HIS A 333 18.45 -14.90 25.55
C HIS A 333 19.86 -14.27 25.53
N VAL A 334 19.93 -12.93 25.67
CA VAL A 334 21.26 -12.26 25.56
C VAL A 334 22.08 -12.63 26.85
N ASN A 335 21.39 -12.57 27.96
CA ASN A 335 21.92 -12.94 29.34
C ASN A 335 22.43 -14.38 29.32
N GLY A 336 21.86 -15.28 28.59
CA GLY A 336 22.29 -16.64 28.50
C GLY A 336 23.28 -16.97 27.42
N GLY A 337 23.74 -16.00 26.60
CA GLY A 337 24.55 -16.34 25.40
C GLY A 337 23.98 -16.96 24.21
N VAL A 338 22.63 -17.11 24.17
CA VAL A 338 21.97 -17.66 23.07
C VAL A 338 21.98 -16.73 21.88
N ILE A 339 21.89 -15.43 22.19
CA ILE A 339 21.97 -14.35 21.17
C ILE A 339 23.13 -13.49 21.56
N PRO A 340 24.13 -13.38 20.68
CA PRO A 340 25.31 -12.65 21.09
C PRO A 340 25.04 -11.12 21.06
N MET A 341 25.87 -10.41 21.73
CA MET A 341 25.78 -8.96 21.79
C MET A 341 26.06 -8.35 20.44
N SER A 342 26.90 -8.97 19.60
CA SER A 342 27.14 -8.51 18.28
C SER A 342 25.82 -8.36 17.46
N ARG A 343 24.85 -9.28 17.68
CA ARG A 343 23.61 -9.30 16.95
C ARG A 343 22.75 -8.12 17.38
N ILE A 344 22.67 -7.89 18.70
CA ILE A 344 21.95 -6.78 19.28
C ILE A 344 22.53 -5.45 18.77
N ASP A 345 23.84 -5.38 18.79
CA ASP A 345 24.52 -4.10 18.43
C ASP A 345 24.34 -3.78 16.91
N ASP A 346 24.25 -4.84 16.09
CA ASP A 346 24.01 -4.70 14.67
C ASP A 346 22.57 -4.12 14.46
N ALA A 347 21.62 -4.70 15.14
CA ALA A 347 20.23 -4.28 14.98
C ALA A 347 20.08 -2.84 15.40
N VAL A 348 20.61 -2.46 16.54
CA VAL A 348 20.57 -1.14 17.09
C VAL A 348 21.40 -0.16 16.19
N THR A 349 22.51 -0.59 15.66
CA THR A 349 23.30 0.28 14.73
C THR A 349 22.39 0.69 13.53
N ARG A 350 21.67 -0.27 13.02
CA ARG A 350 20.82 -0.04 11.81
C ARG A 350 19.61 0.86 12.13
N ILE A 351 18.96 0.66 13.32
CA ILE A 351 17.84 1.47 13.71
C ILE A 351 18.23 2.93 13.87
N LEU A 352 19.38 3.10 14.56
CA LEU A 352 19.91 4.41 14.86
C LEU A 352 20.40 5.00 13.54
N ARG A 353 21.03 4.21 12.67
CA ARG A 353 21.47 4.76 11.35
C ARG A 353 20.27 5.43 10.62
N VAL A 354 19.14 4.75 10.62
CA VAL A 354 17.97 5.31 9.89
C VAL A 354 17.54 6.54 10.56
N LYS A 355 17.39 6.50 11.93
CA LYS A 355 16.92 7.68 12.71
C LYS A 355 17.80 8.96 12.57
N PHE A 356 19.12 8.76 12.65
CA PHE A 356 20.02 9.90 12.43
C PHE A 356 19.99 10.37 10.96
N THR A 357 20.03 9.44 10.02
CA THR A 357 20.12 9.83 8.59
C THR A 357 18.90 10.68 8.21
N MET A 358 17.75 10.30 8.74
CA MET A 358 16.50 10.96 8.34
C MET A 358 16.23 12.30 9.05
N GLY A 359 17.13 12.71 9.95
CA GLY A 359 17.00 13.91 10.71
C GLY A 359 16.16 13.85 11.97
N LEU A 360 15.81 12.65 12.42
CA LEU A 360 14.82 12.56 13.52
C LEU A 360 15.36 13.11 14.84
N PHE A 361 16.69 13.04 15.08
CA PHE A 361 17.19 13.71 16.28
C PHE A 361 17.11 15.22 16.20
N GLU A 362 17.11 15.80 15.01
CA GLU A 362 17.05 17.22 14.82
C GLU A 362 15.64 17.70 14.74
N ASN A 363 14.69 16.88 14.26
CA ASN A 363 13.31 17.29 14.22
C ASN A 363 12.42 16.15 14.77
N PRO A 364 12.39 15.95 16.11
CA PRO A 364 11.60 14.86 16.66
C PRO A 364 10.15 15.15 16.71
N TYR A 365 9.83 16.39 16.57
CA TYR A 365 8.41 16.80 16.74
C TYR A 365 7.72 17.23 15.44
N ALA A 366 6.40 17.18 15.49
CA ALA A 366 5.61 17.58 14.31
C ALA A 366 5.65 19.07 13.96
N ASP A 367 5.45 19.42 12.68
CA ASP A 367 5.38 20.77 12.26
C ASP A 367 3.93 21.16 12.06
N PRO A 368 3.42 22.02 12.89
CA PRO A 368 1.97 22.32 12.72
C PRO A 368 1.66 23.04 11.44
N ALA A 369 2.62 23.68 10.78
CA ALA A 369 2.35 24.32 9.47
C ALA A 369 2.13 23.29 8.40
N MET A 370 2.36 22.00 8.69
CA MET A 370 2.19 20.95 7.69
C MET A 370 0.77 20.42 7.69
N ALA A 371 0.01 20.69 8.76
CA ALA A 371 -1.28 20.06 8.90
C ALA A 371 -2.19 20.27 7.71
N GLU A 372 -2.11 21.47 7.11
CA GLU A 372 -2.96 21.87 5.99
C GLU A 372 -2.57 21.18 4.67
N GLN A 373 -1.49 20.39 4.65
CA GLN A 373 -1.27 19.55 3.53
C GLN A 373 -2.26 18.43 3.34
N LEU A 374 -2.91 17.95 4.41
CA LEU A 374 -3.87 16.92 4.30
C LEU A 374 -4.99 17.20 3.36
N GLY A 375 -5.23 16.33 2.38
CA GLY A 375 -6.35 16.50 1.44
C GLY A 375 -6.22 17.71 0.58
N LYS A 376 -5.03 18.21 0.41
CA LYS A 376 -4.83 19.49 -0.37
C LYS A 376 -5.29 19.29 -1.81
N GLN A 377 -5.92 20.26 -2.41
CA GLN A 377 -6.43 20.14 -3.76
C GLN A 377 -5.39 19.78 -4.84
N GLU A 378 -4.17 20.24 -4.74
CA GLU A 378 -3.15 19.86 -5.71
C GLU A 378 -2.91 18.32 -5.68
N HIS A 379 -3.07 17.75 -4.52
CA HIS A 379 -2.88 16.31 -4.36
C HIS A 379 -4.10 15.57 -4.88
N ARG A 380 -5.29 16.11 -4.66
CA ARG A 380 -6.45 15.53 -5.26
C ARG A 380 -6.41 15.60 -6.79
N ASP A 381 -5.97 16.73 -7.37
CA ASP A 381 -5.74 16.78 -8.74
C ASP A 381 -4.81 15.67 -9.28
N LEU A 382 -3.72 15.38 -8.54
CA LEU A 382 -2.79 14.33 -8.89
C LEU A 382 -3.49 12.98 -8.82
N ALA A 383 -4.27 12.75 -7.79
CA ALA A 383 -4.96 11.48 -7.66
C ALA A 383 -5.99 11.34 -8.78
N ARG A 384 -6.62 12.43 -9.20
CA ARG A 384 -7.59 12.40 -10.27
C ARG A 384 -6.91 12.03 -11.62
N GLU A 385 -5.75 12.61 -11.86
CA GLU A 385 -4.91 12.32 -13.01
C GLU A 385 -4.52 10.79 -12.94
N ALA A 386 -4.14 10.27 -11.78
CA ALA A 386 -3.72 8.82 -11.64
C ALA A 386 -4.89 7.89 -11.85
N ALA A 387 -6.05 8.25 -11.32
CA ALA A 387 -7.24 7.43 -11.49
C ALA A 387 -7.60 7.31 -12.99
N ARG A 388 -7.63 8.45 -13.68
CA ARG A 388 -7.94 8.48 -15.11
C ARG A 388 -6.91 7.59 -15.91
N LYS A 389 -5.61 7.78 -15.60
CA LYS A 389 -4.58 7.08 -16.36
C LYS A 389 -4.62 5.56 -16.05
N SER A 390 -5.20 5.15 -14.90
CA SER A 390 -5.21 3.76 -14.52
C SER A 390 -6.32 2.98 -15.24
N LEU A 391 -7.33 3.68 -15.77
CA LEU A 391 -8.51 2.99 -16.31
C LEU A 391 -8.12 2.19 -17.54
N VAL A 392 -8.58 0.95 -17.62
CA VAL A 392 -8.36 0.17 -18.90
C VAL A 392 -9.67 -0.06 -19.62
N LEU A 393 -9.73 0.42 -20.84
CA LEU A 393 -10.92 0.27 -21.70
C LEU A 393 -10.78 -1.10 -22.36
N LEU A 394 -11.69 -1.99 -21.97
CA LEU A 394 -11.75 -3.32 -22.45
C LEU A 394 -12.68 -3.53 -23.65
N LYS A 395 -13.78 -2.77 -23.78
CA LYS A 395 -14.66 -2.92 -24.93
C LYS A 395 -15.27 -1.55 -25.12
N ASN A 396 -15.45 -1.14 -26.34
CA ASN A 396 -16.13 0.11 -26.64
C ASN A 396 -17.01 -0.07 -27.91
N GLY A 397 -18.09 -0.84 -27.82
CA GLY A 397 -18.98 -1.19 -28.90
C GLY A 397 -19.23 -2.70 -28.93
N LYS A 398 -20.49 -3.14 -29.16
CA LYS A 398 -20.72 -4.65 -29.23
C LYS A 398 -20.29 -5.32 -30.50
N THR A 399 -20.16 -4.58 -31.56
CA THR A 399 -19.72 -5.14 -32.80
C THR A 399 -18.74 -4.10 -33.21
N SER A 400 -17.95 -4.52 -34.13
CA SER A 400 -16.99 -3.74 -34.75
C SER A 400 -17.64 -2.66 -35.61
N THR A 401 -18.93 -2.77 -35.96
CA THR A 401 -19.49 -1.72 -36.77
C THR A 401 -20.40 -0.71 -36.00
N ASP A 402 -20.68 -0.94 -34.72
CA ASP A 402 -21.38 -0.01 -33.88
C ASP A 402 -20.64 1.29 -33.77
N ALA A 403 -21.39 2.37 -33.60
CA ALA A 403 -20.82 3.63 -33.17
C ALA A 403 -20.06 3.40 -31.78
N PRO A 404 -18.86 3.90 -31.64
CA PRO A 404 -18.20 3.73 -30.31
C PRO A 404 -19.01 4.57 -29.24
N LEU A 405 -19.37 3.87 -28.18
CA LEU A 405 -20.14 4.51 -27.09
C LEU A 405 -19.34 5.62 -26.36
N LEU A 406 -18.06 5.38 -26.06
CA LEU A 406 -17.24 6.32 -25.39
C LEU A 406 -16.31 7.03 -26.41
N PRO A 407 -16.17 8.33 -26.26
CA PRO A 407 -16.75 9.14 -25.18
C PRO A 407 -18.18 9.56 -25.31
N LEU A 408 -18.85 9.59 -24.16
CA LEU A 408 -20.20 10.01 -24.02
C LEU A 408 -20.32 11.53 -24.08
N PRO A 409 -21.50 12.02 -24.54
CA PRO A 409 -21.73 13.45 -24.61
C PRO A 409 -22.19 13.98 -23.26
N LYS A 410 -21.71 15.17 -22.97
CA LYS A 410 -22.07 15.83 -21.66
C LYS A 410 -23.44 16.47 -21.61
N LYS A 411 -23.91 16.67 -22.82
CA LYS A 411 -25.28 17.20 -23.03
C LYS A 411 -26.24 16.12 -23.60
N ALA A 412 -27.25 15.79 -22.84
CA ALA A 412 -28.32 14.84 -23.19
C ALA A 412 -29.51 15.14 -22.36
N PRO A 413 -30.73 14.81 -22.82
CA PRO A 413 -31.83 15.32 -22.03
C PRO A 413 -31.93 14.63 -20.64
N LYS A 414 -31.57 13.36 -20.57
CA LYS A 414 -31.76 12.61 -19.35
C LYS A 414 -30.84 11.42 -19.36
N ILE A 415 -30.03 11.17 -18.34
CA ILE A 415 -29.15 10.03 -18.27
C ILE A 415 -29.33 9.22 -16.97
N LEU A 416 -28.91 7.94 -16.96
CA LEU A 416 -29.10 7.09 -15.77
C LEU A 416 -27.73 6.73 -15.20
N VAL A 417 -27.54 6.88 -13.90
CA VAL A 417 -26.35 6.35 -13.23
C VAL A 417 -26.88 5.30 -12.26
N ALA A 418 -26.29 4.12 -12.36
CA ALA A 418 -26.81 3.00 -11.58
C ALA A 418 -25.66 2.12 -11.08
N GLY A 419 -26.07 1.22 -10.18
CA GLY A 419 -25.19 0.21 -9.69
C GLY A 419 -24.76 0.43 -8.23
N SER A 420 -24.38 -0.65 -7.53
CA SER A 420 -23.94 -0.64 -6.15
C SER A 420 -22.66 0.15 -5.98
N HIS A 421 -21.90 0.41 -7.03
CA HIS A 421 -20.64 1.12 -6.88
C HIS A 421 -20.67 2.49 -7.52
N ALA A 422 -21.83 3.00 -7.98
CA ALA A 422 -21.87 4.34 -8.52
C ALA A 422 -21.82 5.43 -7.54
N ASP A 423 -22.33 5.23 -6.33
CA ASP A 423 -22.39 6.27 -5.31
C ASP A 423 -21.96 5.68 -3.98
N ASN A 424 -20.72 5.16 -3.90
CA ASN A 424 -20.25 4.56 -2.68
C ASN A 424 -18.71 4.72 -2.62
N LEU A 425 -18.33 5.74 -1.86
CA LEU A 425 -16.91 6.20 -1.79
C LEU A 425 -16.04 5.07 -1.23
N GLY A 426 -16.50 4.42 -0.19
CA GLY A 426 -15.74 3.34 0.40
C GLY A 426 -15.49 2.21 -0.57
N TYR A 427 -16.47 1.82 -1.36
CA TYR A 427 -16.27 0.73 -2.38
C TYR A 427 -15.23 1.18 -3.43
N GLN A 428 -15.30 2.43 -3.82
CA GLN A 428 -14.36 2.89 -4.83
C GLN A 428 -12.88 3.03 -4.34
N CYS A 429 -12.70 3.08 -3.02
CA CYS A 429 -11.37 3.09 -2.38
C CYS A 429 -10.87 1.72 -2.06
N GLY A 430 -11.77 0.75 -1.74
CA GLY A 430 -11.28 -0.59 -1.39
C GLY A 430 -10.60 -0.62 0.03
N GLY A 431 -9.81 -1.67 0.24
CA GLY A 431 -9.22 -2.01 1.46
C GLY A 431 -8.17 -0.92 1.83
N TRP A 432 -7.72 -0.97 3.09
CA TRP A 432 -6.76 0.01 3.64
C TRP A 432 -7.24 1.41 3.41
N THR A 433 -8.49 1.64 3.75
CA THR A 433 -9.03 3.01 3.62
C THR A 433 -9.96 3.23 4.87
N ILE A 434 -9.52 4.04 5.78
CA ILE A 434 -10.09 4.44 7.06
C ILE A 434 -10.09 3.27 8.03
N GLU A 435 -10.63 2.11 7.59
CA GLU A 435 -10.46 0.87 8.34
C GLU A 435 -9.47 -0.01 7.67
N TRP A 436 -8.96 -1.02 8.40
CA TRP A 436 -8.08 -2.04 7.76
C TRP A 436 -8.64 -2.70 6.50
N GLN A 437 -9.88 -3.25 6.64
CA GLN A 437 -10.62 -3.90 5.58
C GLN A 437 -11.32 -2.95 4.59
N GLY A 438 -11.09 -1.64 4.70
CA GLY A 438 -12.03 -0.71 4.14
C GLY A 438 -13.40 -0.77 4.64
N ASP A 439 -14.29 -0.04 3.97
CA ASP A 439 -15.67 0.07 4.54
C ASP A 439 -16.56 0.55 3.43
N THR A 440 -17.85 0.63 3.75
CA THR A 440 -18.89 1.04 2.80
C THR A 440 -19.39 2.44 3.06
N GLY A 441 -19.68 3.19 2.06
CA GLY A 441 -20.38 4.49 2.20
C GLY A 441 -19.44 5.65 2.28
N ARG A 442 -19.90 6.74 2.85
CA ARG A 442 -19.18 8.01 2.77
C ARG A 442 -18.21 8.08 3.99
N THR A 443 -17.08 7.38 3.91
CA THR A 443 -16.22 7.17 5.00
C THR A 443 -15.14 8.28 5.17
N THR A 444 -14.99 9.11 4.14
CA THR A 444 -13.95 10.15 4.14
C THR A 444 -14.37 11.21 3.12
N VAL A 445 -13.49 12.13 2.78
CA VAL A 445 -13.83 13.21 1.89
C VAL A 445 -13.46 12.79 0.50
N GLY A 446 -14.39 12.90 -0.45
CA GLY A 446 -14.09 12.57 -1.87
C GLY A 446 -15.31 12.74 -2.74
N THR A 447 -15.18 12.23 -3.96
CA THR A 447 -16.19 12.39 -5.01
C THR A 447 -16.52 11.06 -5.56
N THR A 448 -17.77 10.58 -5.37
CA THR A 448 -18.23 9.33 -5.92
C THR A 448 -18.41 9.43 -7.45
N ILE A 449 -18.70 8.33 -8.11
CA ILE A 449 -18.91 8.31 -9.62
C ILE A 449 -20.16 9.16 -9.96
N LEU A 450 -21.15 9.01 -9.11
CA LEU A 450 -22.42 9.80 -9.30
C LEU A 450 -22.17 11.29 -9.18
N GLU A 451 -21.49 11.62 -8.14
CA GLU A 451 -21.03 12.98 -7.88
C GLU A 451 -20.21 13.59 -8.99
N ALA A 452 -19.31 12.82 -9.52
CA ALA A 452 -18.44 13.25 -10.64
C ALA A 452 -19.26 13.44 -11.95
N VAL A 453 -20.25 12.58 -12.17
CA VAL A 453 -21.16 12.70 -13.32
C VAL A 453 -21.93 14.02 -13.18
N LYS A 454 -22.50 14.28 -12.00
CA LYS A 454 -23.29 15.50 -11.84
C LYS A 454 -22.39 16.76 -12.00
N ALA A 455 -21.10 16.66 -11.66
CA ALA A 455 -20.13 17.77 -11.77
C ALA A 455 -19.72 18.01 -13.22
N ALA A 456 -19.80 16.97 -14.09
CA ALA A 456 -19.25 17.03 -15.42
C ALA A 456 -20.28 17.47 -16.44
N VAL A 457 -21.52 17.06 -16.27
CA VAL A 457 -22.51 17.19 -17.35
C VAL A 457 -23.01 18.66 -17.51
N ASP A 458 -23.57 18.92 -18.67
CA ASP A 458 -24.14 20.20 -19.05
C ASP A 458 -25.25 20.41 -18.08
N PRO A 459 -25.52 21.69 -17.78
CA PRO A 459 -26.62 22.04 -16.87
C PRO A 459 -27.99 21.55 -17.28
N SER A 460 -28.18 21.42 -18.56
CA SER A 460 -29.52 20.90 -19.05
C SER A 460 -29.63 19.39 -18.94
N THR A 461 -28.58 18.65 -18.58
CA THR A 461 -28.66 17.19 -18.52
C THR A 461 -29.28 16.79 -17.22
N VAL A 462 -30.35 16.03 -17.23
CA VAL A 462 -31.01 15.60 -15.98
C VAL A 462 -30.31 14.27 -15.63
N VAL A 463 -29.79 14.16 -14.43
CA VAL A 463 -29.11 12.91 -14.00
C VAL A 463 -30.00 12.13 -13.06
N VAL A 464 -30.36 10.92 -13.37
CA VAL A 464 -31.17 10.06 -12.45
C VAL A 464 -30.28 9.03 -11.85
N PHE A 465 -30.33 8.81 -10.54
CA PHE A 465 -29.64 7.73 -9.89
C PHE A 465 -30.64 6.64 -9.42
N ALA A 466 -30.34 5.39 -9.74
CA ALA A 466 -31.00 4.26 -9.15
C ALA A 466 -29.98 3.17 -8.94
N GLU A 467 -29.91 2.67 -7.73
CA GLU A 467 -28.87 1.71 -7.37
C GLU A 467 -29.00 0.39 -8.09
N ASN A 468 -30.25 -0.17 -8.13
CA ASN A 468 -30.53 -1.45 -8.72
C ASN A 468 -31.89 -1.38 -9.44
N PRO A 469 -31.95 -0.63 -10.54
CA PRO A 469 -33.24 -0.51 -11.23
C PRO A 469 -33.63 -1.79 -11.97
N ASP A 470 -34.91 -2.03 -12.12
CA ASP A 470 -35.37 -3.19 -12.98
C ASP A 470 -35.45 -2.81 -14.46
N ALA A 471 -35.66 -3.80 -15.32
CA ALA A 471 -35.59 -3.60 -16.78
C ALA A 471 -36.66 -2.61 -17.24
N GLU A 472 -37.80 -2.67 -16.58
CA GLU A 472 -38.89 -1.74 -16.97
C GLU A 472 -38.65 -0.33 -16.66
N PHE A 473 -38.08 -0.10 -15.47
CA PHE A 473 -37.69 1.23 -15.07
C PHE A 473 -36.79 1.88 -16.16
N VAL A 474 -35.75 1.12 -16.55
CA VAL A 474 -34.83 1.63 -17.56
C VAL A 474 -35.49 1.91 -18.90
N LYS A 475 -36.30 0.94 -19.33
CA LYS A 475 -36.95 1.05 -20.70
C LYS A 475 -37.95 2.18 -20.74
N SER A 476 -38.54 2.46 -19.58
CA SER A 476 -39.56 3.57 -19.45
C SER A 476 -38.95 4.91 -19.17
N GLY A 477 -37.62 4.98 -18.87
CA GLY A 477 -37.09 6.24 -18.43
C GLY A 477 -36.77 7.35 -19.33
N GLY A 478 -36.73 7.13 -20.65
CA GLY A 478 -36.38 8.19 -21.54
C GLY A 478 -34.90 8.57 -21.41
N PHE A 479 -34.07 7.56 -21.13
CA PHE A 479 -32.63 7.78 -20.97
C PHE A 479 -31.87 7.80 -22.28
N SER A 480 -30.88 8.68 -22.42
CA SER A 480 -30.00 8.69 -23.58
C SER A 480 -28.95 7.61 -23.51
N TYR A 481 -28.49 7.33 -22.29
CA TYR A 481 -27.45 6.31 -22.05
C TYR A 481 -27.45 6.08 -20.52
N ALA A 482 -26.64 5.09 -20.08
CA ALA A 482 -26.51 4.85 -18.68
C ALA A 482 -25.04 4.55 -18.42
N ILE A 483 -24.62 4.92 -17.22
CA ILE A 483 -23.29 4.58 -16.61
C ILE A 483 -23.58 3.67 -15.47
N VAL A 484 -23.06 2.44 -15.51
CA VAL A 484 -23.43 1.51 -14.44
C VAL A 484 -22.10 0.97 -13.83
N ALA A 485 -22.04 1.04 -12.49
CA ALA A 485 -20.82 0.72 -11.77
C ALA A 485 -21.06 -0.34 -10.77
N VAL A 486 -20.26 -1.42 -10.82
CA VAL A 486 -20.42 -2.62 -10.00
C VAL A 486 -19.04 -3.21 -9.73
N GLY A 487 -19.01 -4.16 -8.85
CA GLY A 487 -17.74 -4.87 -8.59
C GLY A 487 -17.53 -5.42 -7.21
N GLU A 488 -16.24 -5.56 -6.87
CA GLU A 488 -15.88 -6.10 -5.59
C GLU A 488 -16.11 -5.19 -4.45
N HIS A 489 -16.43 -5.80 -3.32
CA HIS A 489 -16.42 -5.13 -2.06
C HIS A 489 -15.00 -4.98 -1.45
N PRO A 490 -14.79 -4.03 -0.56
CA PRO A 490 -13.41 -3.85 0.01
C PRO A 490 -12.96 -5.06 0.75
N TYR A 491 -11.70 -5.35 0.63
CA TYR A 491 -11.09 -6.42 1.40
C TYR A 491 -9.60 -6.14 1.54
N THR A 492 -9.04 -6.82 2.50
CA THR A 492 -7.58 -6.78 2.78
C THR A 492 -7.06 -8.13 3.24
N GLU A 493 -5.92 -8.47 2.79
CA GLU A 493 -5.24 -9.67 3.32
C GLU A 493 -6.12 -10.93 3.17
N THR A 494 -6.16 -11.84 4.18
CA THR A 494 -6.81 -13.16 3.94
C THR A 494 -8.25 -13.11 3.64
N LYS A 495 -8.92 -12.08 4.14
CA LYS A 495 -10.30 -11.84 3.74
C LYS A 495 -10.51 -11.72 2.28
N GLY A 496 -9.53 -11.28 1.55
CA GLY A 496 -9.77 -11.13 0.09
C GLY A 496 -9.36 -12.34 -0.74
N ASP A 497 -8.70 -13.31 -0.09
CA ASP A 497 -8.37 -14.55 -0.80
C ASP A 497 -9.75 -15.11 -1.33
N ASN A 498 -9.74 -15.47 -2.63
CA ASN A 498 -11.01 -15.79 -3.32
C ASN A 498 -10.71 -16.74 -4.46
N LEU A 499 -11.27 -17.94 -4.34
CA LEU A 499 -11.05 -18.99 -5.32
C LEU A 499 -11.97 -18.90 -6.55
N ASN A 500 -13.08 -18.17 -6.48
CA ASN A 500 -14.02 -18.06 -7.58
C ASN A 500 -13.94 -16.76 -8.38
N LEU A 501 -13.57 -15.66 -7.78
CA LEU A 501 -13.34 -14.40 -8.47
C LEU A 501 -14.57 -13.95 -9.27
N THR A 502 -15.71 -14.17 -8.69
CA THR A 502 -16.95 -13.67 -9.28
C THR A 502 -17.49 -12.54 -8.45
N ILE A 503 -17.92 -11.50 -9.14
CA ILE A 503 -18.41 -10.37 -8.37
C ILE A 503 -19.72 -10.61 -7.66
N PRO A 504 -19.94 -9.98 -6.50
CA PRO A 504 -21.22 -10.22 -5.78
C PRO A 504 -22.38 -9.72 -6.51
N GLU A 505 -23.49 -10.41 -6.31
CA GLU A 505 -24.80 -9.96 -6.71
C GLU A 505 -25.39 -8.96 -5.77
N PRO A 506 -26.20 -8.02 -6.27
CA PRO A 506 -26.60 -7.86 -7.57
C PRO A 506 -25.39 -6.89 -8.10
N GLY A 507 -24.94 -7.28 -9.20
CA GLY A 507 -23.89 -6.61 -9.97
C GLY A 507 -24.20 -6.89 -11.42
N LEU A 508 -23.97 -8.17 -11.84
CA LEU A 508 -24.35 -8.60 -13.14
C LEU A 508 -25.79 -8.42 -13.45
N SER A 509 -26.69 -8.78 -12.54
CA SER A 509 -28.10 -8.60 -12.82
C SER A 509 -28.48 -7.14 -13.08
N THR A 510 -27.87 -6.22 -12.36
CA THR A 510 -28.15 -4.78 -12.63
C THR A 510 -27.58 -4.33 -14.03
N VAL A 511 -26.34 -4.77 -14.35
CA VAL A 511 -25.79 -4.48 -15.66
C VAL A 511 -26.75 -5.00 -16.73
N GLN A 512 -27.22 -6.22 -16.54
CA GLN A 512 -28.15 -6.82 -17.51
C GLN A 512 -29.41 -6.04 -17.71
N ALA A 513 -29.95 -5.63 -16.61
CA ALA A 513 -31.22 -4.85 -16.66
C ALA A 513 -31.04 -3.50 -17.26
N VAL A 514 -29.95 -2.87 -16.96
CA VAL A 514 -29.67 -1.50 -17.48
C VAL A 514 -29.32 -1.62 -18.95
N CYS A 515 -28.31 -2.43 -19.29
CA CYS A 515 -27.84 -2.49 -20.69
C CYS A 515 -28.96 -3.04 -21.65
N GLY A 516 -29.85 -3.87 -21.11
CA GLY A 516 -30.92 -4.35 -21.88
C GLY A 516 -31.91 -3.27 -22.29
N GLY A 517 -31.96 -2.16 -21.57
CA GLY A 517 -32.84 -1.04 -21.87
C GLY A 517 -32.31 0.16 -22.55
N VAL A 518 -31.01 0.39 -22.42
CA VAL A 518 -30.38 1.57 -22.98
C VAL A 518 -28.96 1.32 -23.18
N ARG A 519 -28.33 2.02 -24.13
CA ARG A 519 -26.89 1.81 -24.31
C ARG A 519 -26.15 2.18 -23.03
N CYS A 520 -25.15 1.40 -22.69
CA CYS A 520 -24.59 1.49 -21.33
C CYS A 520 -23.05 1.38 -21.37
N ALA A 521 -22.41 2.15 -20.50
CA ALA A 521 -20.96 1.97 -20.19
C ALA A 521 -20.84 1.37 -18.77
N THR A 522 -20.20 0.23 -18.65
CA THR A 522 -20.09 -0.44 -17.40
C THR A 522 -18.76 -0.12 -16.82
N VAL A 523 -18.74 0.32 -15.58
CA VAL A 523 -17.49 0.62 -14.85
C VAL A 523 -17.29 -0.46 -13.75
N LEU A 524 -16.27 -1.27 -13.95
CA LEU A 524 -15.98 -2.38 -13.12
C LEU A 524 -14.92 -1.97 -12.05
N ILE A 525 -15.31 -1.98 -10.75
CA ILE A 525 -14.43 -1.67 -9.63
C ILE A 525 -13.96 -2.99 -9.04
N SER A 526 -12.67 -3.18 -9.09
CA SER A 526 -12.12 -4.47 -8.59
C SER A 526 -10.68 -4.28 -8.22
N GLY A 527 -10.20 -5.23 -7.40
CA GLY A 527 -8.75 -5.24 -7.06
C GLY A 527 -7.84 -6.05 -7.97
N ARG A 528 -8.41 -6.61 -9.01
CA ARG A 528 -7.78 -7.68 -9.77
C ARG A 528 -8.79 -8.04 -10.93
N PRO A 529 -8.32 -8.77 -11.92
CA PRO A 529 -9.24 -9.43 -12.84
C PRO A 529 -10.19 -10.36 -12.14
N VAL A 530 -11.44 -10.29 -12.60
CA VAL A 530 -12.56 -11.14 -12.13
C VAL A 530 -13.30 -11.65 -13.35
N VAL A 531 -14.12 -12.68 -13.15
CA VAL A 531 -14.89 -13.26 -14.20
C VAL A 531 -15.68 -12.15 -14.89
N VAL A 532 -15.41 -11.93 -16.19
CA VAL A 532 -15.95 -10.81 -16.88
C VAL A 532 -16.75 -11.04 -18.17
N GLN A 533 -16.76 -12.30 -18.71
CA GLN A 533 -17.41 -12.51 -19.99
C GLN A 533 -18.92 -12.15 -19.92
N PRO A 534 -19.61 -12.44 -18.77
CA PRO A 534 -21.01 -12.04 -18.76
C PRO A 534 -21.25 -10.57 -18.74
N LEU A 535 -20.43 -9.85 -18.00
CA LEU A 535 -20.49 -8.37 -17.98
C LEU A 535 -20.17 -7.82 -19.36
N LEU A 536 -19.16 -8.38 -20.00
CA LEU A 536 -18.86 -7.93 -21.40
C LEU A 536 -20.01 -8.16 -22.39
N ALA A 537 -20.65 -9.34 -22.26
CA ALA A 537 -21.69 -9.67 -23.22
C ALA A 537 -22.88 -8.73 -23.11
N ALA A 538 -23.22 -8.28 -21.90
CA ALA A 538 -24.27 -7.31 -21.74
C ALA A 538 -23.96 -5.88 -22.18
N SER A 539 -22.68 -5.49 -22.09
CA SER A 539 -22.28 -4.09 -22.12
C SER A 539 -21.89 -3.56 -23.53
N ASP A 540 -22.30 -2.38 -23.84
CA ASP A 540 -21.71 -1.66 -24.99
C ASP A 540 -20.28 -1.30 -24.78
N ALA A 541 -19.96 -0.69 -23.62
CA ALA A 541 -18.59 -0.43 -23.25
C ALA A 541 -18.37 -0.88 -21.83
N LEU A 542 -17.13 -1.28 -21.59
CA LEU A 542 -16.74 -1.74 -20.24
C LEU A 542 -15.32 -1.24 -19.96
N VAL A 543 -15.16 -0.67 -18.75
CA VAL A 543 -13.91 -0.12 -18.26
C VAL A 543 -13.48 -0.85 -17.01
N ALA A 544 -12.23 -1.29 -16.96
CA ALA A 544 -11.64 -1.81 -15.67
C ALA A 544 -11.04 -0.61 -14.95
N ALA A 545 -11.73 -0.16 -13.89
CA ALA A 545 -11.31 1.02 -13.16
C ALA A 545 -10.48 0.69 -11.88
N TRP A 546 -10.29 -0.58 -11.57
CA TRP A 546 -9.53 -1.04 -10.44
C TRP A 546 -10.14 -0.45 -9.14
N LEU A 547 -9.33 0.12 -8.24
CA LEU A 547 -9.78 0.76 -6.99
C LEU A 547 -9.23 2.15 -7.08
N PRO A 548 -10.00 3.08 -7.69
CA PRO A 548 -9.41 4.38 -8.12
C PRO A 548 -9.22 5.42 -7.03
N GLY A 549 -9.81 5.20 -5.85
CA GLY A 549 -9.64 6.10 -4.69
C GLY A 549 -10.71 7.18 -4.51
N SER A 550 -10.27 8.30 -3.90
CA SER A 550 -11.23 9.32 -3.52
C SER A 550 -11.72 10.18 -4.67
N GLU A 551 -10.96 10.24 -5.76
CA GLU A 551 -11.24 11.18 -6.86
C GLU A 551 -11.96 10.59 -8.00
N GLY A 552 -13.30 10.43 -7.85
CA GLY A 552 -14.12 9.81 -8.84
C GLY A 552 -14.13 10.55 -10.18
N GLN A 553 -13.85 11.85 -10.17
CA GLN A 553 -13.71 12.56 -11.40
C GLN A 553 -12.70 12.03 -12.37
N GLY A 554 -11.68 11.27 -11.88
CA GLY A 554 -10.83 10.63 -12.83
C GLY A 554 -11.53 9.65 -13.77
N VAL A 555 -12.56 8.99 -13.23
CA VAL A 555 -13.38 8.15 -14.00
C VAL A 555 -14.16 8.94 -15.09
N THR A 556 -14.82 10.04 -14.74
CA THR A 556 -15.64 10.76 -15.69
C THR A 556 -14.79 11.55 -16.66
N ASP A 557 -13.58 11.89 -16.27
CA ASP A 557 -12.60 12.59 -17.22
C ASP A 557 -12.44 11.81 -18.51
N ALA A 558 -12.39 10.47 -18.37
CA ALA A 558 -12.27 9.57 -19.49
C ALA A 558 -13.63 9.21 -20.13
N LEU A 559 -14.65 8.94 -19.34
CA LEU A 559 -15.95 8.68 -19.86
C LEU A 559 -16.49 9.79 -20.84
N PHE A 560 -16.30 11.07 -20.51
CA PHE A 560 -16.84 12.21 -21.19
C PHE A 560 -15.81 12.77 -22.16
N GLY A 561 -14.66 12.12 -22.23
CA GLY A 561 -13.70 12.48 -23.31
C GLY A 561 -12.81 13.73 -23.05
N ASP A 562 -12.76 14.23 -21.84
CA ASP A 562 -11.78 15.28 -21.47
C ASP A 562 -10.36 14.75 -21.78
N PHE A 563 -10.13 13.47 -21.54
CA PHE A 563 -8.82 12.80 -21.90
C PHE A 563 -9.15 11.52 -22.52
N GLY A 564 -8.30 11.05 -23.38
CA GLY A 564 -8.40 9.70 -23.93
C GLY A 564 -8.03 8.57 -22.95
N PHE A 565 -8.60 7.39 -23.14
CA PHE A 565 -8.15 6.16 -22.35
C PHE A 565 -6.78 5.76 -22.80
N THR A 566 -5.90 5.50 -21.86
CA THR A 566 -4.49 5.13 -22.13
C THR A 566 -4.05 3.96 -21.36
N GLY A 567 -4.75 3.61 -20.31
CA GLY A 567 -4.25 2.50 -19.46
C GLY A 567 -4.18 1.19 -20.22
N ARG A 568 -3.20 0.37 -19.80
CA ARG A 568 -3.02 -0.99 -20.31
C ARG A 568 -2.95 -2.00 -19.17
N LEU A 569 -3.52 -3.20 -19.38
CA LEU A 569 -3.56 -4.18 -18.33
C LEU A 569 -2.17 -4.49 -17.78
N PRO A 570 -2.04 -4.46 -16.44
CA PRO A 570 -0.80 -4.78 -15.81
C PRO A 570 -0.75 -6.23 -15.36
N ARG A 571 -1.73 -6.99 -15.74
CA ARG A 571 -1.90 -8.38 -15.33
C ARG A 571 -2.62 -9.01 -16.52
N THR A 572 -2.49 -10.33 -16.64
CA THR A 572 -3.32 -11.14 -17.47
C THR A 572 -4.76 -11.21 -17.00
N TRP A 573 -5.71 -11.08 -17.94
CA TRP A 573 -7.08 -11.42 -17.67
C TRP A 573 -7.42 -12.81 -18.13
N PHE A 574 -7.73 -13.67 -17.17
CA PHE A 574 -7.99 -15.07 -17.39
C PHE A 574 -9.36 -15.28 -18.00
N LYS A 575 -9.51 -16.44 -18.62
CA LYS A 575 -10.84 -16.80 -19.11
C LYS A 575 -11.64 -17.47 -17.97
N SER A 576 -10.96 -18.28 -17.20
CA SER A 576 -11.52 -19.09 -16.14
C SER A 576 -10.54 -19.20 -15.00
N VAL A 577 -11.06 -19.33 -13.76
CA VAL A 577 -10.17 -19.48 -12.61
C VAL A 577 -9.53 -20.86 -12.61
N ASP A 578 -10.16 -21.83 -13.28
CA ASP A 578 -9.45 -23.13 -13.51
C ASP A 578 -8.19 -23.03 -14.26
N GLN A 579 -7.96 -21.96 -15.00
CA GLN A 579 -6.63 -21.81 -15.60
C GLN A 579 -5.47 -21.42 -14.69
N LEU A 580 -5.79 -20.97 -13.48
CA LEU A 580 -4.79 -20.29 -12.67
C LEU A 580 -3.92 -21.30 -11.92
N PRO A 581 -2.67 -20.97 -11.69
CA PRO A 581 -2.08 -19.69 -12.13
C PRO A 581 -1.70 -19.64 -13.60
N MET A 582 -1.72 -18.49 -14.20
CA MET A 582 -1.47 -18.35 -15.60
C MET A 582 -0.86 -17.00 -15.91
N ASN A 583 0.44 -16.98 -16.27
CA ASN A 583 1.12 -15.65 -16.43
C ASN A 583 1.79 -15.50 -17.79
N VAL A 584 1.90 -14.23 -18.21
CA VAL A 584 2.52 -13.82 -19.53
C VAL A 584 3.83 -14.56 -19.58
N GLY A 585 4.02 -15.35 -20.59
CA GLY A 585 5.19 -16.15 -20.70
C GLY A 585 4.97 -17.60 -20.42
N ASP A 586 3.91 -18.06 -19.77
CA ASP A 586 3.80 -19.59 -19.54
C ASP A 586 3.58 -20.34 -20.80
N ALA A 587 3.57 -21.66 -20.65
CA ALA A 587 3.11 -22.56 -21.70
C ALA A 587 1.63 -22.52 -22.11
N HIS A 588 0.73 -22.85 -21.19
CA HIS A 588 -0.69 -22.93 -21.52
C HIS A 588 -1.35 -21.46 -21.55
N TYR A 589 -0.57 -20.43 -21.96
CA TYR A 589 -1.03 -19.01 -21.98
C TYR A 589 -2.21 -18.79 -22.94
N ASP A 590 -3.44 -18.81 -22.39
CA ASP A 590 -4.66 -18.68 -23.13
C ASP A 590 -5.56 -17.59 -22.39
N PRO A 591 -5.18 -16.33 -22.52
CA PRO A 591 -5.89 -15.27 -21.83
C PRO A 591 -7.14 -14.78 -22.51
N LEU A 592 -8.11 -14.33 -21.74
CA LEU A 592 -9.17 -13.48 -22.31
C LEU A 592 -8.58 -12.15 -22.88
N PHE A 593 -7.75 -11.49 -22.09
CA PHE A 593 -7.03 -10.32 -22.48
C PHE A 593 -5.64 -10.48 -21.96
N ARG A 594 -4.68 -10.28 -22.83
CA ARG A 594 -3.29 -10.47 -22.47
C ARG A 594 -2.73 -9.21 -21.71
N LEU A 595 -1.65 -9.41 -20.97
CA LEU A 595 -0.96 -8.34 -20.33
C LEU A 595 -0.61 -7.31 -21.37
N GLY A 596 -0.80 -6.00 -21.08
CA GLY A 596 -0.58 -4.95 -22.03
C GLY A 596 -1.80 -4.58 -22.90
N TYR A 597 -2.86 -5.32 -22.90
CA TYR A 597 -4.06 -4.95 -23.65
C TYR A 597 -4.76 -3.69 -23.18
N GLY A 598 -5.23 -2.84 -24.09
CA GLY A 598 -6.17 -1.80 -23.57
C GLY A 598 -6.59 -1.00 -24.80
N LEU A 599 -7.88 -0.79 -24.98
CA LEU A 599 -8.31 0.05 -26.10
C LEU A 599 -8.05 1.50 -25.82
N THR A 600 -7.94 2.35 -26.85
CA THR A 600 -7.77 3.78 -26.63
C THR A 600 -8.95 4.62 -27.20
N THR A 601 -9.08 5.85 -26.72
CA THR A 601 -9.97 6.85 -27.29
C THR A 601 -9.11 8.08 -27.48
N ASN A 602 -9.64 8.95 -28.27
CA ASN A 602 -9.08 10.30 -28.40
C ASN A 602 -9.96 11.29 -27.66
N ALA A 603 -9.27 12.23 -27.01
CA ALA A 603 -9.93 13.38 -26.37
C ALA A 603 -10.90 14.18 -27.32
N THR A 604 -12.14 14.37 -26.84
CA THR A 604 -13.03 15.59 -26.72
C THR A 604 -14.39 15.20 -27.13
C1 NAG B . -0.88 -22.96 3.80
C2 NAG B . -0.20 -23.21 5.16
C3 NAG B . -0.60 -24.58 5.72
C4 NAG B . -2.12 -24.60 5.84
C5 NAG B . -2.65 -24.42 4.39
C6 NAG B . -4.14 -24.62 4.14
C7 NAG B . 2.06 -22.20 5.30
C8 NAG B . 1.50 -20.98 5.82
N2 NAG B . 1.23 -23.19 5.03
O3 NAG B . 0.03 -24.74 6.98
O4 NAG B . -2.56 -25.78 6.53
O5 NAG B . -2.27 -23.06 4.08
O6 NAG B . -4.81 -23.88 5.17
O7 NAG B . 3.28 -22.27 5.14
C1 NAG C . -16.52 -17.10 -3.71
C2 NAG C . -17.54 -17.77 -2.79
C3 NAG C . -18.31 -16.55 -2.25
C4 NAG C . -17.33 -15.98 -1.19
C5 NAG C . -15.96 -15.63 -1.82
C6 NAG C . -14.91 -15.33 -0.72
C7 NAG C . -17.68 -20.22 -3.31
C8 NAG C . -16.35 -20.53 -2.64
N2 NAG C . -18.21 -18.96 -3.37
O3 NAG C . -19.59 -16.81 -1.72
O4 NAG C . -17.89 -14.85 -0.53
O5 NAG C . -15.49 -16.63 -2.80
O6 NAG C . -13.87 -16.31 -0.64
O7 NAG C . -18.30 -21.14 -3.81
C1 NAG D . -7.48 8.76 -32.77
C2 NAG D . -8.46 8.05 -33.75
C3 NAG D . -7.71 6.79 -34.18
C4 NAG D . -6.52 7.26 -35.02
C5 NAG D . -5.68 8.35 -34.32
C6 NAG D . -4.82 9.09 -35.32
C7 NAG D . -10.77 8.99 -33.40
C8 NAG D . -12.20 8.95 -32.92
N2 NAG D . -9.89 7.93 -33.30
O3 NAG D . -8.46 5.91 -35.00
O4 NAG D . -5.71 6.13 -35.32
O5 NAG D . -6.43 9.32 -33.55
O6 NAG D . -4.35 10.31 -34.73
O7 NAG D . -10.40 10.06 -33.88
C ACT E . -5.78 12.47 -27.68
O ACT E . -6.27 12.25 -26.54
OXT ACT E . -5.04 11.62 -28.23
CH3 ACT E . -6.10 13.77 -28.39
C ACT F . 27.19 1.95 29.69
O ACT F . 27.66 3.12 29.90
OXT ACT F . 27.61 1.17 28.78
CH3 ACT F . 26.08 1.46 30.56
C ACT G . -9.74 -6.63 16.86
O ACT G . -9.53 -5.41 16.78
OXT ACT G . -8.83 -7.41 17.25
CH3 ACT G . -11.14 -7.08 16.50
C ACT H . -2.70 -21.11 13.92
O ACT H . -2.47 -20.11 14.59
OXT ACT H . -1.76 -21.62 13.29
CH3 ACT H . -4.09 -21.66 13.90
C ACT I . 28.60 -2.48 9.24
O ACT I . 28.27 -1.63 10.11
OXT ACT I . 29.52 -3.34 9.35
CH3 ACT I . 27.82 -2.52 8.00
C ACT J . -23.53 6.47 4.13
O ACT J . -22.45 6.89 3.83
OXT ACT J . -23.53 5.82 5.17
CH3 ACT J . -24.74 6.75 3.25
C ACT K . -14.76 -14.96 4.56
O ACT K . -14.01 -15.16 5.55
OXT ACT K . -14.59 -15.55 3.46
CH3 ACT K . -15.88 -13.96 4.67
C1 GOL L . -1.73 14.33 -17.89
O1 GOL L . -2.58 15.41 -17.56
C2 GOL L . -1.34 14.37 -19.34
O2 GOL L . -2.51 14.40 -20.13
C3 GOL L . -0.49 13.14 -19.74
O3 GOL L . 0.77 13.08 -19.01
C2 BGC M . 0.51 -6.43 6.98
C3 BGC M . 1.55 -5.34 6.71
C4 BGC M . 1.24 -4.11 7.52
C5 BGC M . 1.07 -4.48 9.04
C6 BGC M . 0.89 -3.31 9.99
C1 BGC M . 0.19 -6.58 8.51
O1 BGC M . -1.05 -7.24 8.64
O2 BGC M . 0.89 -7.74 6.44
O3 BGC M . 1.56 -5.05 5.27
O4 BGC M . 2.25 -3.11 7.38
O5 BGC M . -0.09 -5.35 9.14
O6 BGC M . -0.36 -2.65 9.78
C2 BGC N . -3.72 -5.66 11.10
C3 BGC N . -3.43 -4.27 11.54
C4 BGC N . -4.83 -3.93 12.15
C5 BGC N . -5.49 -5.06 13.05
C6 BGC N . -7.00 -5.21 12.98
C1 BGC N . -3.85 -6.58 12.29
O1 BGC N . -3.73 -7.92 11.79
O2 BGC N . -2.58 -5.94 10.43
O3 BGC N . -2.76 -3.54 10.41
O4 BGC N . -4.75 -2.74 12.96
O5 BGC N . -5.11 -6.42 12.88
O6 BGC N . -7.37 -6.03 14.11
C14 1PE O . -12.40 -9.19 -28.83
OH5 1PE O . -11.24 -8.91 -28.01
C15 1PE O . -8.85 -9.30 -27.89
C25 1PE O . -10.22 -9.92 -28.14
OH6 1PE O . -7.93 -10.11 -27.08
C16 1PE O . -5.72 -9.98 -26.02
C26 1PE O . -6.52 -9.76 -27.27
OH7 1PE O . -5.67 -11.37 -26.24
S SO4 P . -4.34 -10.80 12.02
O1 SO4 P . -3.80 -10.33 13.32
O2 SO4 P . -5.66 -10.14 11.95
O3 SO4 P . -3.35 -10.50 10.98
O4 SO4 P . -4.61 -12.25 11.98
S SO4 Q . 29.34 -11.31 22.02
O1 SO4 Q . 30.12 -10.29 22.73
O2 SO4 Q . 28.19 -11.60 22.96
O3 SO4 Q . 29.05 -10.68 20.67
O4 SO4 Q . 30.11 -12.61 21.76
S SO4 R . -11.82 -4.18 10.33
O1 SO4 R . -10.83 -3.91 11.43
O2 SO4 R . -13.18 -3.63 10.67
O3 SO4 R . -11.44 -3.40 9.13
O4 SO4 R . -11.90 -5.71 10.23
S SO4 S . 2.48 -26.24 3.00
O1 SO4 S . 2.74 -27.49 3.76
O2 SO4 S . 3.06 -25.16 3.83
O3 SO4 S . 3.07 -26.24 1.56
O4 SO4 S . 1.00 -26.02 2.97
S SO4 T . 16.29 -6.95 -17.40
O1 SO4 T . 16.84 -8.17 -16.73
O2 SO4 T . 16.32 -5.80 -16.48
O3 SO4 T . 14.89 -7.09 -17.86
O4 SO4 T . 17.15 -6.63 -18.58
#